data_3R5X
#
_entry.id   3R5X
#
_cell.length_a   56.336
_cell.length_b   68.992
_cell.length_c   92.387
_cell.angle_alpha   73.36
_cell.angle_beta   84.96
_cell.angle_gamma   75.46
#
_symmetry.space_group_name_H-M   'P 1'
#
loop_
_entity.id
_entity.type
_entity.pdbx_description
1 polymer 'D-alanine--D-alanine ligase'
2 non-polymer 'CALCIUM ION'
3 non-polymer "ADENOSINE-5'-TRIPHOSPHATE"
4 non-polymer 'MAGNESIUM ION'
5 non-polymer 1,2-ETHANEDIOL
6 non-polymer 'ACETIC ACID'
7 water water
#
_entity_poly.entity_id   1
_entity_poly.type   'polypeptide(L)'
_entity_poly.pdbx_seq_one_letter_code
;SNA(MSE)RIGVI(MSE)GGVSSEKQVSI(MSE)TGNE(MSE)IANLDKNKYEIVPITLNEK(MSE)DLIEKAKDIDFAL
LALHGKYGEDGTVQGTLESLGIPYSGSN(MSE)LSSGIC(MSE)DKNISKKILRYEGIETPDWIELTK(MSE)EDLNFDE
LDKLGFPLVVKPNSGGSSVGVKIVYDKDELIS(MSE)LETVFEWDSEVVIEKYIKGEEITCSIFDGKQLPIISIRHAAEF
FDYNAKYDDASTIEEVIELPAELKERVNKASLACYKALKCSVYARVD(MSE)(MSE)VKDGIPYV(MSE)EVNTLPG
(MSE)TQASLLPKSADAAGIHYSKLLD(MSE)IIETSLRVRKEEGF
;
_entity_poly.pdbx_strand_id   A,B,C,D
#
# COMPACT_ATOMS: atom_id res chain seq x y z
N SER A 1 3.33 6.26 19.67
CA SER A 1 3.83 5.00 19.13
C SER A 1 2.78 3.89 19.25
N ASN A 2 2.19 3.49 18.13
CA ASN A 2 1.20 2.42 18.13
C ASN A 2 1.84 1.03 18.20
N ALA A 3 1.40 0.23 19.16
CA ALA A 3 2.00 -1.08 19.42
C ALA A 3 1.67 -2.07 18.31
N ARG A 5 0.61 -5.44 16.74
CA ARG A 5 -0.30 -6.45 17.27
C ARG A 5 0.23 -7.88 16.98
N ILE A 6 0.73 -8.53 18.02
CA ILE A 6 1.31 -9.88 17.89
C ILE A 6 0.29 -10.97 18.20
N GLY A 7 -0.12 -11.72 17.20
CA GLY A 7 -0.93 -12.91 17.44
C GLY A 7 -0.04 -14.00 18.01
N VAL A 8 -0.43 -14.61 19.11
CA VAL A 8 0.32 -15.75 19.62
C VAL A 8 -0.49 -16.97 19.22
N ILE A 9 0.04 -17.73 18.27
CA ILE A 9 -0.76 -18.77 17.61
C ILE A 9 -0.63 -20.11 18.31
N GLY A 11 -2.52 -24.08 18.95
CA GLY A 11 -3.41 -25.04 18.29
C GLY A 11 -2.82 -26.43 18.19
N GLY A 12 -3.42 -27.26 17.34
CA GLY A 12 -3.04 -28.66 17.26
C GLY A 12 -4.10 -29.55 17.86
N VAL A 13 -3.83 -30.85 17.93
CA VAL A 13 -4.76 -31.79 18.54
C VAL A 13 -4.04 -32.59 19.61
N SER A 14 -4.80 -33.08 20.60
CA SER A 14 -4.22 -33.87 21.70
C SER A 14 -2.99 -33.24 22.40
N SER A 15 -1.97 -34.04 22.68
CA SER A 15 -0.86 -33.55 23.51
C SER A 15 -0.08 -32.40 22.88
N GLU A 16 -0.02 -32.38 21.56
CA GLU A 16 0.60 -31.28 20.86
C GLU A 16 -0.15 -30.00 21.20
N LYS A 17 -1.47 -30.08 21.27
CA LYS A 17 -2.27 -28.90 21.59
C LYS A 17 -1.86 -28.38 22.94
N GLN A 18 -1.73 -29.28 23.91
CA GLN A 18 -1.40 -28.86 25.26
C GLN A 18 -0.03 -28.20 25.29
N VAL A 19 0.98 -28.82 24.68
CA VAL A 19 2.30 -28.20 24.62
C VAL A 19 2.18 -26.83 23.96
N SER A 20 1.35 -26.75 22.93
CA SER A 20 1.17 -25.47 22.24
C SER A 20 0.60 -24.41 23.18
N ILE A 21 -0.44 -24.79 23.95
CA ILE A 21 -1.04 -23.89 24.93
C ILE A 21 -0.01 -23.39 25.94
N THR A 23 3.21 -23.24 25.62
CA THR A 23 4.17 -22.39 24.94
C THR A 23 3.60 -20.98 24.73
N GLY A 24 2.38 -20.91 24.20
CA GLY A 24 1.74 -19.63 23.97
C GLY A 24 1.61 -18.85 25.28
N ASN A 25 1.23 -19.54 26.35
CA ASN A 25 1.10 -18.85 27.63
C ASN A 25 2.41 -18.23 28.08
N GLU A 26 3.50 -18.96 27.91
CA GLU A 26 4.80 -18.40 28.30
C GLU A 26 5.13 -17.17 27.48
N ILE A 28 2.98 -15.16 25.93
CA ILE A 28 2.04 -14.09 26.31
C ILE A 28 2.50 -13.43 27.59
N ALA A 29 3.08 -14.22 28.48
CA ALA A 29 3.50 -13.72 29.77
C ALA A 29 4.84 -12.97 29.70
N ASN A 30 5.70 -13.33 28.76
CA ASN A 30 6.97 -12.61 28.60
C ASN A 30 7.13 -11.59 27.47
N LEU A 31 6.14 -11.50 26.58
CA LEU A 31 6.18 -10.44 25.58
C LEU A 31 6.19 -9.07 26.28
N ASP A 32 7.03 -8.18 25.77
CA ASP A 32 7.15 -6.86 26.34
C ASP A 32 5.84 -6.12 26.05
N LYS A 33 5.13 -5.71 27.11
CA LYS A 33 3.78 -5.20 26.93
C LYS A 33 3.79 -3.77 26.38
N ASN A 34 4.92 -3.08 26.54
CA ASN A 34 5.08 -1.73 26.04
C ASN A 34 5.38 -1.70 24.55
N LYS A 35 6.11 -2.70 24.06
CA LYS A 35 6.38 -2.82 22.63
C LYS A 35 5.21 -3.40 21.81
N TYR A 36 4.47 -4.31 22.43
CA TYR A 36 3.46 -5.10 21.70
C TYR A 36 2.07 -5.04 22.29
N GLU A 37 1.09 -5.16 21.40
CA GLU A 37 -0.28 -5.46 21.77
C GLU A 37 -0.44 -6.96 21.54
N ILE A 38 -0.68 -7.71 22.61
CA ILE A 38 -0.66 -9.17 22.50
C ILE A 38 -2.04 -9.74 22.29
N VAL A 39 -2.15 -10.62 21.31
CA VAL A 39 -3.43 -11.15 20.87
C VAL A 39 -3.40 -12.68 20.87
N PRO A 40 -3.85 -13.28 21.99
CA PRO A 40 -3.91 -14.74 22.03
C PRO A 40 -4.83 -15.28 20.94
N ILE A 41 -4.33 -16.23 20.16
CA ILE A 41 -5.12 -16.89 19.13
C ILE A 41 -5.06 -18.40 19.31
N THR A 42 -6.19 -18.98 19.68
CA THR A 42 -6.26 -20.41 19.93
C THR A 42 -7.11 -21.03 18.84
N LEU A 43 -6.53 -21.96 18.09
CA LEU A 43 -7.20 -22.49 16.91
C LEU A 43 -7.99 -23.75 17.26
N ASN A 44 -9.31 -23.63 17.18
CA ASN A 44 -10.16 -24.79 17.41
C ASN A 44 -10.04 -25.78 16.25
N GLU A 45 -10.10 -25.24 15.04
CA GLU A 45 -9.67 -25.96 13.83
C GLU A 45 -8.63 -25.09 13.12
N LYS A 46 -7.67 -25.73 12.45
CA LYS A 46 -6.55 -25.00 11.82
C LYS A 46 -6.99 -23.82 10.95
N ASP A 48 -9.46 -21.84 11.11
CA ASP A 48 -10.00 -20.68 11.85
C ASP A 48 -8.98 -19.54 11.94
N LEU A 49 -7.74 -19.84 11.52
CA LEU A 49 -6.67 -18.87 11.48
C LEU A 49 -7.02 -17.70 10.56
N ILE A 50 -7.75 -17.97 9.48
CA ILE A 50 -8.11 -16.94 8.52
C ILE A 50 -8.95 -15.83 9.14
N GLU A 51 -9.95 -16.22 9.92
CA GLU A 51 -10.78 -15.27 10.63
C GLU A 51 -9.99 -14.56 11.75
N LYS A 52 -9.27 -15.33 12.57
CA LYS A 52 -8.68 -14.77 13.79
C LYS A 52 -7.44 -13.91 13.54
N ALA A 53 -6.85 -14.03 12.36
CA ALA A 53 -5.63 -13.28 12.05
C ALA A 53 -5.92 -11.93 11.36
N LYS A 54 -7.19 -11.59 11.20
CA LYS A 54 -7.55 -10.32 10.56
C LYS A 54 -7.03 -9.12 11.36
N ASP A 55 -6.97 -9.29 12.67
N ASP A 55 -6.96 -9.31 12.67
CA ASP A 55 -6.62 -8.21 13.58
CA ASP A 55 -6.63 -8.23 13.60
C ASP A 55 -5.15 -8.15 14.03
C ASP A 55 -5.16 -8.16 14.03
N ILE A 56 -4.30 -8.99 13.45
CA ILE A 56 -2.88 -8.98 13.82
C ILE A 56 -1.91 -8.44 12.75
N ASP A 57 -0.84 -7.80 13.18
CA ASP A 57 0.28 -7.44 12.31
C ASP A 57 1.33 -8.53 12.13
N PHE A 58 1.42 -9.46 13.07
CA PHE A 58 2.46 -10.48 13.00
C PHE A 58 1.97 -11.71 13.72
N ALA A 59 2.32 -12.89 13.21
CA ALA A 59 1.91 -14.13 13.83
C ALA A 59 3.14 -14.81 14.43
N LEU A 60 3.20 -14.82 15.76
CA LEU A 60 4.26 -15.51 16.50
C LEU A 60 3.76 -16.93 16.79
N LEU A 61 4.41 -17.92 16.21
CA LEU A 61 3.90 -19.30 16.29
C LEU A 61 4.25 -20.01 17.61
N ALA A 62 3.21 -20.38 18.33
CA ALA A 62 3.33 -21.20 19.56
C ALA A 62 3.06 -22.68 19.29
N LEU A 63 2.92 -23.03 18.01
CA LEU A 63 2.59 -24.39 17.63
C LEU A 63 3.68 -25.43 17.97
N HIS A 64 3.28 -26.70 18.03
CA HIS A 64 4.17 -27.79 18.33
C HIS A 64 3.77 -29.00 17.51
N GLY A 65 4.75 -29.64 16.86
CA GLY A 65 4.48 -30.83 16.05
C GLY A 65 3.93 -30.53 14.66
N LYS A 66 3.20 -31.49 14.09
CA LYS A 66 2.77 -31.41 12.70
C LYS A 66 2.11 -30.09 12.30
N TYR A 67 1.17 -29.57 13.10
CA TYR A 67 0.48 -28.34 12.72
C TYR A 67 1.44 -27.25 12.36
N GLY A 68 2.55 -27.15 13.09
CA GLY A 68 3.46 -26.06 12.83
C GLY A 68 4.53 -26.40 11.83
N GLU A 69 4.76 -27.70 11.66
CA GLU A 69 5.80 -28.25 10.76
C GLU A 69 5.49 -28.48 9.30
N ASP A 70 4.26 -28.93 8.99
CA ASP A 70 4.00 -29.37 7.61
C ASP A 70 4.03 -28.23 6.60
N GLY A 71 3.85 -27.00 7.06
CA GLY A 71 3.96 -25.84 6.16
C GLY A 71 2.65 -25.14 5.83
N THR A 72 1.52 -25.74 6.22
CA THR A 72 0.22 -25.15 5.87
C THR A 72 -0.06 -23.82 6.58
N VAL A 73 0.19 -23.75 7.88
CA VAL A 73 0.01 -22.50 8.60
C VAL A 73 0.86 -21.39 7.99
N GLN A 74 2.16 -21.65 7.77
CA GLN A 74 3.04 -20.67 7.14
C GLN A 74 2.53 -20.22 5.75
N GLY A 75 2.04 -21.16 4.94
CA GLY A 75 1.58 -20.85 3.60
C GLY A 75 0.33 -20.00 3.63
N THR A 76 -0.58 -20.34 4.54
CA THR A 76 -1.79 -19.56 4.71
C THR A 76 -1.42 -18.14 5.12
N LEU A 77 -0.57 -18.02 6.15
CA LEU A 77 -0.22 -16.67 6.61
C LEU A 77 0.40 -15.87 5.47
N GLU A 78 1.32 -16.49 4.74
N GLU A 78 1.32 -16.50 4.74
CA GLU A 78 1.92 -15.83 3.57
CA GLU A 78 1.92 -15.88 3.56
C GLU A 78 0.86 -15.40 2.55
C GLU A 78 0.86 -15.40 2.57
N SER A 79 -0.12 -16.27 2.30
CA SER A 79 -1.17 -15.92 1.33
C SER A 79 -1.98 -14.70 1.83
N LEU A 80 -2.12 -14.58 3.15
CA LEU A 80 -2.84 -13.45 3.72
C LEU A 80 -1.98 -12.18 3.78
N GLY A 81 -0.70 -12.30 3.46
CA GLY A 81 0.22 -11.17 3.57
C GLY A 81 0.54 -10.85 5.03
N ILE A 82 0.48 -11.86 5.89
CA ILE A 82 0.72 -11.62 7.30
C ILE A 82 2.07 -12.19 7.71
N PRO A 83 3.03 -11.31 8.02
CA PRO A 83 4.35 -11.82 8.45
C PRO A 83 4.26 -12.80 9.66
N TYR A 84 5.13 -13.81 9.68
CA TYR A 84 5.08 -14.83 10.73
C TYR A 84 6.49 -15.28 11.12
N SER A 85 6.60 -15.96 12.25
CA SER A 85 7.90 -16.38 12.74
C SER A 85 8.40 -17.67 12.08
N GLY A 86 9.73 -17.78 11.93
CA GLY A 86 10.34 -19.04 11.56
C GLY A 86 10.48 -19.31 10.07
N SER A 87 10.75 -20.57 9.75
CA SER A 87 10.98 -20.96 8.37
C SER A 87 9.68 -20.99 7.58
N ASN A 88 9.81 -20.82 6.27
CA ASN A 88 8.63 -20.73 5.42
C ASN A 88 8.05 -22.12 5.14
N LEU A 90 7.98 -24.17 2.55
CA LEU A 90 8.77 -25.19 1.87
C LEU A 90 9.88 -25.70 2.78
N SER A 91 10.55 -24.78 3.46
CA SER A 91 11.60 -25.19 4.41
C SER A 91 11.00 -26.07 5.49
N SER A 92 9.83 -25.68 6.01
CA SER A 92 9.18 -26.44 7.09
C SER A 92 8.82 -27.86 6.63
N GLY A 93 8.23 -27.94 5.44
CA GLY A 93 7.83 -29.25 4.93
C GLY A 93 9.03 -30.14 4.61
N ILE A 94 10.08 -29.55 4.06
CA ILE A 94 11.28 -30.32 3.77
C ILE A 94 11.88 -30.89 5.07
N CYS A 95 12.06 -30.03 6.07
CA CYS A 95 12.64 -30.42 7.36
C CYS A 95 11.79 -31.42 8.08
N ASP A 97 10.14 -33.77 6.58
CA ASP A 97 10.24 -35.05 5.90
C ASP A 97 11.68 -35.57 6.07
N LYS A 98 11.85 -36.63 6.87
CA LYS A 98 13.20 -37.06 7.24
C LYS A 98 13.95 -37.61 6.03
N ASN A 99 13.25 -38.40 5.23
N ASN A 99 13.24 -38.39 5.22
CA ASN A 99 13.82 -38.92 4.01
CA ASN A 99 13.80 -38.94 3.99
C ASN A 99 14.35 -37.82 3.08
C ASN A 99 14.32 -37.87 3.04
N ILE A 100 13.47 -36.90 2.70
CA ILE A 100 13.86 -35.85 1.79
C ILE A 100 14.95 -34.95 2.38
N SER A 101 14.85 -34.62 3.67
CA SER A 101 15.89 -33.80 4.28
C SER A 101 17.27 -34.50 4.27
N LYS A 102 17.29 -35.80 4.57
CA LYS A 102 18.56 -36.56 4.52
C LYS A 102 19.16 -36.64 3.11
N LYS A 103 18.31 -36.77 2.08
CA LYS A 103 18.81 -36.75 0.70
C LYS A 103 19.53 -35.43 0.36
N ILE A 104 18.90 -34.33 0.69
CA ILE A 104 19.49 -33.03 0.45
C ILE A 104 20.78 -32.84 1.26
N LEU A 105 20.76 -33.23 2.54
CA LEU A 105 21.96 -33.13 3.36
C LEU A 105 23.08 -33.98 2.75
N ARG A 106 22.76 -35.21 2.42
CA ARG A 106 23.77 -36.08 1.85
C ARG A 106 24.24 -35.53 0.49
N TYR A 107 23.31 -35.02 -0.31
CA TYR A 107 23.72 -34.37 -1.56
C TYR A 107 24.76 -33.26 -1.30
N GLU A 108 24.58 -32.52 -0.22
CA GLU A 108 25.47 -31.40 0.08
C GLU A 108 26.77 -31.86 0.75
N GLY A 109 26.89 -33.16 1.01
CA GLY A 109 28.08 -33.70 1.62
C GLY A 109 28.08 -33.62 3.15
N ILE A 110 26.90 -33.43 3.74
CA ILE A 110 26.76 -33.35 5.18
C ILE A 110 26.56 -34.76 5.75
N GLU A 111 27.27 -35.13 6.81
CA GLU A 111 27.15 -36.50 7.35
C GLU A 111 25.79 -36.75 7.99
N THR A 112 25.15 -37.83 7.57
CA THR A 112 23.92 -38.27 8.17
C THR A 112 23.97 -39.79 8.14
N PRO A 113 23.32 -40.46 9.08
CA PRO A 113 23.42 -41.92 9.11
C PRO A 113 22.83 -42.60 7.88
N ASP A 114 23.45 -43.69 7.47
CA ASP A 114 22.95 -44.49 6.38
C ASP A 114 21.52 -44.91 6.66
N TRP A 115 20.71 -45.01 5.61
CA TRP A 115 19.31 -45.34 5.82
C TRP A 115 18.67 -45.97 4.60
N ILE A 116 17.51 -46.56 4.85
CA ILE A 116 16.63 -47.04 3.80
C ILE A 116 15.31 -46.30 3.94
N GLU A 117 14.77 -45.84 2.81
CA GLU A 117 13.44 -45.25 2.82
C GLU A 117 12.46 -46.35 2.40
N LEU A 118 11.32 -46.45 3.07
CA LEU A 118 10.36 -47.51 2.76
C LEU A 118 8.92 -46.99 2.80
N THR A 119 8.15 -47.20 1.73
CA THR A 119 6.72 -46.90 1.83
C THR A 119 5.88 -48.14 2.16
N LYS A 120 4.60 -47.91 2.39
CA LYS A 120 3.77 -48.90 3.07
C LYS A 120 3.59 -50.22 2.32
N GLU A 122 5.24 -50.99 -0.37
CA GLU A 122 6.49 -51.30 -1.02
C GLU A 122 7.17 -52.49 -0.35
N ASP A 123 7.85 -53.32 -1.15
CA ASP A 123 8.61 -54.44 -0.61
C ASP A 123 9.88 -53.91 0.04
N LEU A 124 10.65 -54.83 0.63
CA LEU A 124 11.83 -54.46 1.38
C LEU A 124 13.02 -55.23 0.83
N ASN A 125 14.07 -54.53 0.42
CA ASN A 125 15.21 -55.20 -0.22
C ASN A 125 16.25 -55.58 0.82
N PHE A 126 16.39 -56.89 1.04
CA PHE A 126 17.17 -57.40 2.16
C PHE A 126 18.66 -57.30 1.93
N ASP A 127 19.06 -57.15 0.67
CA ASP A 127 20.47 -56.99 0.35
C ASP A 127 20.95 -55.62 0.84
N GLU A 128 20.22 -54.56 0.51
CA GLU A 128 20.57 -53.25 1.05
C GLU A 128 20.35 -53.17 2.57
N LEU A 129 19.33 -53.86 3.09
CA LEU A 129 19.10 -53.91 4.52
C LEU A 129 20.33 -54.42 5.24
N ASP A 130 20.82 -55.58 4.81
CA ASP A 130 22.01 -56.20 5.37
C ASP A 130 23.22 -55.29 5.40
N LYS A 131 23.34 -54.43 4.40
CA LYS A 131 24.41 -53.44 4.41
C LYS A 131 24.37 -52.60 5.69
N LEU A 132 23.16 -52.35 6.20
CA LEU A 132 22.99 -51.51 7.39
C LEU A 132 23.31 -52.24 8.69
N GLY A 133 23.07 -53.54 8.73
CA GLY A 133 23.32 -54.30 9.96
C GLY A 133 22.21 -54.05 10.97
N PHE A 134 22.43 -54.51 12.20
CA PHE A 134 21.49 -54.33 13.30
C PHE A 134 22.30 -53.84 14.49
N PRO A 135 21.68 -53.11 15.43
CA PRO A 135 20.32 -52.60 15.52
C PRO A 135 20.05 -51.50 14.48
N LEU A 136 18.77 -51.23 14.27
CA LEU A 136 18.31 -50.21 13.33
C LEU A 136 17.33 -49.34 14.09
N VAL A 137 17.16 -48.10 13.65
CA VAL A 137 16.18 -47.21 14.23
C VAL A 137 15.03 -46.97 13.23
N VAL A 138 13.82 -47.32 13.63
CA VAL A 138 12.68 -47.13 12.74
C VAL A 138 12.00 -45.79 13.04
N LYS A 139 11.96 -44.90 12.06
CA LYS A 139 11.35 -43.58 12.24
C LYS A 139 10.15 -43.37 11.33
N PRO A 140 8.95 -43.22 11.92
CA PRO A 140 7.83 -42.82 11.07
C PRO A 140 8.27 -41.55 10.34
N ASN A 141 7.92 -41.46 9.06
CA ASN A 141 8.40 -40.32 8.31
C ASN A 141 7.37 -39.19 8.11
N SER A 146 2.16 -39.79 17.20
CA SER A 146 1.27 -40.91 17.43
C SER A 146 2.03 -42.22 17.69
N VAL A 147 3.00 -42.52 16.82
CA VAL A 147 3.91 -43.65 17.03
C VAL A 147 5.37 -43.13 16.96
N GLY A 148 6.19 -43.46 17.95
CA GLY A 148 7.52 -42.89 18.05
C GLY A 148 8.64 -43.70 17.44
N VAL A 149 9.88 -43.19 17.53
CA VAL A 149 11.06 -43.89 17.03
C VAL A 149 11.43 -45.07 17.93
N LYS A 150 11.87 -46.17 17.33
CA LYS A 150 12.11 -47.40 18.07
C LYS A 150 13.31 -48.13 17.51
N ILE A 151 14.12 -48.68 18.42
CA ILE A 151 15.29 -49.45 18.05
C ILE A 151 14.88 -50.89 17.89
N VAL A 152 15.31 -51.51 16.80
CA VAL A 152 15.00 -52.91 16.57
C VAL A 152 16.29 -53.68 16.40
N TYR A 153 16.35 -54.87 17.00
CA TYR A 153 17.56 -55.67 17.03
C TYR A 153 17.69 -56.80 16.02
N ASP A 154 16.64 -57.08 15.26
CA ASP A 154 16.75 -58.14 14.25
C ASP A 154 15.60 -58.08 13.24
N LYS A 155 15.67 -58.97 12.26
CA LYS A 155 14.75 -58.95 11.14
C LYS A 155 13.33 -59.00 11.64
N ASP A 156 13.05 -59.91 12.56
CA ASP A 156 11.68 -60.14 12.99
C ASP A 156 11.10 -58.93 13.69
N GLU A 157 11.87 -58.36 14.63
CA GLU A 157 11.49 -57.12 15.28
C GLU A 157 11.20 -56.04 14.21
N LEU A 158 12.10 -55.92 13.24
CA LEU A 158 11.94 -54.90 12.23
C LEU A 158 10.61 -55.05 11.50
N ILE A 159 10.31 -56.29 11.08
CA ILE A 159 9.08 -56.58 10.34
C ILE A 159 7.88 -56.18 11.18
N SER A 160 7.83 -56.71 12.39
CA SER A 160 6.75 -56.42 13.33
C SER A 160 6.54 -54.93 13.53
N LEU A 162 7.51 -52.47 11.53
CA LEU A 162 7.06 -51.84 10.31
C LEU A 162 5.54 -51.94 10.28
N GLU A 163 5.01 -53.11 10.62
CA GLU A 163 3.57 -53.32 10.57
C GLU A 163 2.80 -52.42 11.55
N THR A 164 3.36 -52.20 12.72
CA THR A 164 2.77 -51.28 13.69
C THR A 164 2.72 -49.86 13.13
N VAL A 165 3.83 -49.41 12.56
CA VAL A 165 4.00 -48.03 12.14
C VAL A 165 3.15 -47.74 10.90
N PHE A 166 3.11 -48.69 9.98
CA PHE A 166 2.46 -48.48 8.69
C PHE A 166 0.96 -48.32 8.77
N GLU A 167 0.34 -48.81 9.83
CA GLU A 167 -1.09 -48.63 9.95
C GLU A 167 -1.42 -47.13 10.04
N TRP A 168 -0.67 -46.41 10.88
CA TRP A 168 -0.82 -44.96 11.01
C TRP A 168 -0.12 -44.09 9.94
N ASP A 169 1.12 -44.42 9.58
N ASP A 169 1.08 -44.46 9.54
CA ASP A 169 1.86 -43.63 8.61
CA ASP A 169 1.79 -43.67 8.55
C ASP A 169 2.10 -44.45 7.33
C ASP A 169 2.09 -44.46 7.31
N SER A 170 2.29 -43.77 6.21
CA SER A 170 2.51 -44.45 4.92
C SER A 170 3.97 -44.52 4.56
N GLU A 171 4.82 -43.92 5.38
CA GLU A 171 6.24 -43.82 5.04
C GLU A 171 7.17 -43.90 6.26
N VAL A 172 8.29 -44.59 6.10
CA VAL A 172 9.19 -44.79 7.21
C VAL A 172 10.66 -44.60 6.78
N VAL A 173 11.50 -44.18 7.72
CA VAL A 173 12.95 -44.15 7.52
C VAL A 173 13.51 -45.22 8.41
N ILE A 174 14.40 -46.05 7.88
CA ILE A 174 15.07 -47.10 8.65
C ILE A 174 16.55 -46.76 8.66
N GLU A 175 17.04 -46.36 9.83
CA GLU A 175 18.33 -45.72 9.93
C GLU A 175 19.31 -46.63 10.68
N LYS A 176 20.56 -46.64 10.25
CA LYS A 176 21.59 -47.36 11.00
C LYS A 176 21.71 -46.79 12.41
N TYR A 177 21.66 -47.68 13.41
CA TYR A 177 21.86 -47.27 14.80
C TYR A 177 23.28 -46.77 15.05
N ILE A 178 23.41 -45.61 15.67
CA ILE A 178 24.71 -45.10 16.03
C ILE A 178 24.84 -44.91 17.54
N LYS A 179 25.83 -45.60 18.14
CA LYS A 179 26.11 -45.44 19.57
C LYS A 179 27.13 -44.31 19.71
N GLY A 180 26.72 -43.22 20.36
CA GLY A 180 27.62 -42.09 20.47
C GLY A 180 27.08 -41.06 21.40
N GLU A 181 27.64 -39.85 21.34
CA GLU A 181 27.21 -38.78 22.23
C GLU A 181 26.16 -37.97 21.50
N GLU A 182 24.99 -37.82 22.10
CA GLU A 182 23.95 -37.00 21.48
C GLU A 182 24.08 -35.52 21.85
N ILE A 183 24.01 -34.65 20.85
CA ILE A 183 24.01 -33.21 21.06
C ILE A 183 22.93 -32.51 20.22
N THR A 184 22.64 -31.26 20.53
N THR A 184 22.65 -31.26 20.54
CA THR A 184 21.70 -30.50 19.73
CA THR A 184 21.70 -30.46 19.79
C THR A 184 22.22 -29.08 19.57
C THR A 184 22.30 -29.09 19.56
N CYS A 185 22.11 -28.56 18.36
CA CYS A 185 22.73 -27.29 18.02
C CYS A 185 21.68 -26.31 17.54
N SER A 186 21.46 -25.29 18.36
CA SER A 186 20.47 -24.26 18.07
C SER A 186 21.14 -23.22 17.21
N ILE A 187 20.37 -22.70 16.27
CA ILE A 187 20.85 -21.70 15.33
C ILE A 187 19.86 -20.57 15.37
N PHE A 188 20.36 -19.35 15.59
CA PHE A 188 19.49 -18.20 15.43
C PHE A 188 20.02 -17.25 14.35
N ASP A 189 19.22 -17.11 13.30
CA ASP A 189 19.53 -16.22 12.18
C ASP A 189 20.96 -16.43 11.69
N GLY A 190 21.30 -17.70 11.48
CA GLY A 190 22.57 -18.06 10.87
C GLY A 190 23.77 -18.00 11.80
N LYS A 191 23.51 -17.86 13.10
CA LYS A 191 24.57 -17.84 14.09
C LYS A 191 24.40 -19.00 15.05
N GLN A 192 25.48 -19.74 15.27
CA GLN A 192 25.49 -20.90 16.16
C GLN A 192 25.43 -20.48 17.63
N LEU A 193 24.48 -21.04 18.37
CA LEU A 193 24.36 -20.80 19.80
C LEU A 193 25.08 -21.90 20.57
N PRO A 194 25.11 -21.81 21.92
CA PRO A 194 25.80 -22.86 22.67
C PRO A 194 25.23 -24.26 22.48
N ILE A 195 26.12 -25.22 22.30
CA ILE A 195 25.76 -26.61 22.10
C ILE A 195 25.22 -27.23 23.40
N ILE A 196 24.24 -28.12 23.26
CA ILE A 196 23.71 -28.84 24.41
C ILE A 196 23.88 -30.34 24.28
N SER A 197 24.40 -30.95 25.35
CA SER A 197 24.68 -32.36 25.41
C SER A 197 23.47 -33.09 25.99
N ILE A 198 23.07 -34.20 25.39
CA ILE A 198 21.99 -34.99 25.97
C ILE A 198 22.49 -36.39 26.28
N ARG A 199 22.56 -36.73 27.56
CA ARG A 199 23.06 -38.03 27.95
C ARG A 199 22.39 -38.58 29.20
N HIS A 200 22.74 -39.81 29.53
CA HIS A 200 22.31 -40.41 30.79
C HIS A 200 23.00 -39.80 31.99
N ALA A 201 22.33 -39.78 33.14
CA ALA A 201 22.91 -39.33 34.40
C ALA A 201 23.87 -40.42 34.83
N ALA A 202 24.93 -40.04 35.54
CA ALA A 202 25.82 -41.04 36.14
C ALA A 202 25.94 -40.91 37.67
N GLU A 203 26.22 -42.03 38.32
CA GLU A 203 26.69 -42.10 39.69
C GLU A 203 28.23 -42.32 39.59
N PHE A 204 29.04 -41.54 40.31
CA PHE A 204 30.49 -41.63 40.16
C PHE A 204 31.13 -42.30 41.39
N PHE A 205 32.02 -43.24 41.13
CA PHE A 205 32.82 -43.80 42.21
C PHE A 205 34.23 -43.45 41.83
N ASP A 206 34.83 -42.48 42.52
CA ASP A 206 36.06 -41.89 41.97
C ASP A 206 35.89 -41.58 40.46
N TYR A 207 36.80 -42.12 39.64
CA TYR A 207 36.78 -41.87 38.20
C TYR A 207 35.98 -42.90 37.41
N ASN A 208 35.27 -43.79 38.09
CA ASN A 208 34.40 -44.73 37.40
C ASN A 208 32.97 -44.16 37.35
N ALA A 209 32.43 -43.98 36.16
CA ALA A 209 31.07 -43.49 36.00
C ALA A 209 30.10 -44.68 35.82
N LYS A 210 29.05 -44.75 36.64
CA LYS A 210 28.01 -45.77 36.45
C LYS A 210 26.73 -45.10 35.92
N TYR A 211 26.29 -45.45 34.72
CA TYR A 211 25.20 -44.71 34.08
C TYR A 211 23.82 -45.28 34.38
N ASP A 212 22.85 -44.38 34.51
CA ASP A 212 21.44 -44.76 34.69
C ASP A 212 20.72 -44.60 33.36
N ASP A 213 20.39 -45.74 32.74
N ASP A 213 20.39 -45.74 32.74
CA ASP A 213 19.88 -45.75 31.39
CA ASP A 213 19.84 -45.76 31.40
C ASP A 213 18.41 -45.26 31.33
C ASP A 213 18.43 -45.18 31.33
N ALA A 214 17.79 -45.07 32.49
CA ALA A 214 16.42 -44.60 32.56
C ALA A 214 16.38 -43.08 32.72
N SER A 215 17.51 -42.43 32.57
CA SER A 215 17.52 -41.03 32.83
C SER A 215 18.09 -40.27 31.70
N THR A 216 17.82 -39.00 31.69
CA THR A 216 18.31 -38.12 30.66
C THR A 216 18.62 -36.78 31.26
N ILE A 217 19.81 -36.28 31.03
CA ILE A 217 20.13 -34.94 31.48
C ILE A 217 20.59 -34.10 30.27
N GLU A 218 20.20 -32.82 30.28
CA GLU A 218 20.52 -31.90 29.21
C GLU A 218 21.37 -30.81 29.77
N GLU A 219 22.54 -30.59 29.18
CA GLU A 219 23.44 -29.64 29.78
C GLU A 219 24.20 -28.92 28.72
N VAL A 220 24.37 -27.61 28.91
CA VAL A 220 25.21 -26.84 28.01
C VAL A 220 26.66 -27.29 28.15
N ILE A 221 27.36 -27.41 27.04
CA ILE A 221 28.70 -27.97 27.06
C ILE A 221 29.56 -27.19 26.07
N GLU A 222 30.84 -27.05 26.40
CA GLU A 222 31.77 -26.51 25.43
C GLU A 222 32.52 -27.71 24.85
N LEU A 223 32.45 -27.90 23.54
CA LEU A 223 33.14 -29.04 22.93
C LEU A 223 34.60 -28.69 22.64
N PRO A 224 35.45 -29.72 22.49
CA PRO A 224 36.84 -29.43 22.14
C PRO A 224 36.91 -28.66 20.81
N ALA A 225 37.89 -27.79 20.66
CA ALA A 225 37.93 -26.88 19.50
C ALA A 225 37.70 -27.53 18.14
N GLU A 226 38.41 -28.63 17.87
CA GLU A 226 38.29 -29.33 16.59
C GLU A 226 36.87 -29.84 16.29
N LEU A 227 36.26 -30.53 17.25
CA LEU A 227 34.90 -31.01 17.04
C LEU A 227 33.90 -29.84 17.00
N LYS A 228 34.18 -28.79 17.76
CA LYS A 228 33.29 -27.66 17.83
C LYS A 228 33.20 -26.98 16.46
N GLU A 229 34.34 -26.88 15.79
CA GLU A 229 34.42 -26.23 14.49
C GLU A 229 33.66 -27.08 13.46
N ARG A 230 33.82 -28.39 13.57
N ARG A 230 33.81 -28.40 13.56
CA ARG A 230 33.14 -29.33 12.67
CA ARG A 230 33.14 -29.31 12.66
C ARG A 230 31.63 -29.34 12.89
C ARG A 230 31.63 -29.31 12.89
N VAL A 231 31.22 -29.22 14.15
CA VAL A 231 29.81 -29.22 14.50
C VAL A 231 29.19 -27.93 14.02
N ASN A 232 29.82 -26.80 14.34
CA ASN A 232 29.32 -25.50 13.89
C ASN A 232 29.20 -25.42 12.38
N LYS A 233 30.13 -26.05 11.67
CA LYS A 233 30.10 -26.04 10.22
C LYS A 233 28.92 -26.85 9.69
N ALA A 234 28.71 -28.03 10.26
CA ALA A 234 27.65 -28.91 9.79
C ALA A 234 26.26 -28.28 10.06
N SER A 235 26.08 -27.71 11.24
CA SER A 235 24.76 -27.22 11.63
C SER A 235 24.33 -26.05 10.76
N LEU A 236 25.26 -25.13 10.48
CA LEU A 236 24.94 -23.99 9.65
C LEU A 236 24.67 -24.46 8.21
N ALA A 237 25.44 -25.45 7.78
CA ALA A 237 25.25 -26.01 6.44
C ALA A 237 23.88 -26.64 6.29
N CYS A 238 23.40 -27.33 7.33
CA CYS A 238 22.02 -27.88 7.36
C CYS A 238 21.03 -26.74 7.21
N TYR A 239 21.31 -25.68 7.96
CA TYR A 239 20.43 -24.52 8.01
C TYR A 239 20.25 -23.89 6.63
N LYS A 240 21.35 -23.78 5.88
CA LYS A 240 21.30 -23.17 4.55
C LYS A 240 20.74 -24.15 3.53
N ALA A 241 21.13 -25.41 3.66
CA ALA A 241 20.74 -26.44 2.71
C ALA A 241 19.23 -26.64 2.69
N LEU A 242 18.62 -26.58 3.87
CA LEU A 242 17.19 -26.86 4.02
C LEU A 242 16.34 -25.58 3.97
N LYS A 243 16.98 -24.47 3.66
CA LYS A 243 16.29 -23.19 3.46
C LYS A 243 15.59 -22.63 4.69
N CYS A 244 16.09 -23.02 5.86
CA CYS A 244 15.56 -22.56 7.12
C CYS A 244 15.80 -21.09 7.29
N SER A 245 14.92 -20.44 8.02
CA SER A 245 15.09 -19.04 8.36
C SER A 245 14.70 -18.74 9.81
N VAL A 246 15.29 -17.68 10.32
CA VAL A 246 15.06 -17.15 11.66
C VAL A 246 15.70 -17.99 12.79
N TYR A 247 15.30 -19.23 12.94
CA TYR A 247 15.90 -20.09 13.95
C TYR A 247 15.69 -21.56 13.63
N ALA A 248 16.53 -22.44 14.15
CA ALA A 248 16.34 -23.86 13.87
C ALA A 248 17.09 -24.60 14.93
N ARG A 249 16.80 -25.88 15.07
CA ARG A 249 17.62 -26.70 15.96
C ARG A 249 18.03 -27.99 15.28
N VAL A 250 19.33 -28.26 15.24
CA VAL A 250 19.85 -29.43 14.54
C VAL A 250 20.26 -30.49 15.57
N ASP A 251 19.65 -31.69 15.50
CA ASP A 251 19.96 -32.78 16.43
C ASP A 251 21.04 -33.66 15.79
N VAL A 254 27.44 -37.82 17.92
CA VAL A 254 28.87 -37.82 17.65
C VAL A 254 29.45 -39.19 17.95
N LYS A 255 30.19 -39.73 16.98
CA LYS A 255 30.88 -40.98 17.17
C LYS A 255 32.25 -40.82 16.52
N ASP A 256 33.27 -41.26 17.24
CA ASP A 256 34.62 -41.20 16.73
C ASP A 256 34.95 -39.78 16.31
N GLY A 257 34.38 -38.80 16.99
CA GLY A 257 34.68 -37.41 16.68
C GLY A 257 34.01 -36.86 15.44
N ILE A 258 33.09 -37.63 14.87
CA ILE A 258 32.38 -37.21 13.67
C ILE A 258 30.91 -36.96 14.04
N PRO A 259 30.42 -35.72 13.80
CA PRO A 259 28.99 -35.41 13.95
C PRO A 259 28.10 -35.97 12.81
N TYR A 260 27.00 -36.62 13.15
CA TYR A 260 26.01 -37.04 12.15
C TYR A 260 24.69 -36.32 12.45
N VAL A 261 24.05 -35.79 11.43
CA VAL A 261 22.80 -35.08 11.61
C VAL A 261 21.64 -36.05 11.55
N GLU A 263 18.30 -34.93 12.55
CA GLU A 263 17.19 -34.13 12.04
C GLU A 263 17.37 -32.62 12.19
N VAL A 264 16.58 -31.85 11.43
CA VAL A 264 16.62 -30.42 11.53
C VAL A 264 15.21 -29.98 11.93
N ASN A 265 15.12 -29.17 12.97
CA ASN A 265 13.83 -28.74 13.50
C ASN A 265 13.62 -27.25 13.24
N THR A 266 12.58 -26.96 12.47
CA THR A 266 12.14 -25.58 12.23
C THR A 266 11.16 -25.07 13.27
N LEU A 267 10.60 -26.00 14.03
CA LEU A 267 9.65 -25.62 15.07
C LEU A 267 10.08 -26.29 16.40
N PRO A 268 11.27 -25.99 16.86
CA PRO A 268 11.76 -26.56 18.11
C PRO A 268 10.95 -26.04 19.28
N GLY A 269 10.96 -26.79 20.38
CA GLY A 269 10.36 -26.34 21.62
C GLY A 269 10.70 -24.90 21.96
N THR A 271 9.25 -23.39 25.01
CA THR A 271 9.07 -23.10 26.43
C THR A 271 10.42 -22.80 27.03
N GLN A 272 10.43 -22.18 28.19
CA GLN A 272 11.69 -21.82 28.81
C GLN A 272 12.47 -23.05 29.23
N ALA A 273 11.77 -24.16 29.46
CA ALA A 273 12.47 -25.41 29.79
C ALA A 273 13.01 -26.14 28.53
N SER A 274 12.67 -25.64 27.34
CA SER A 274 13.08 -26.22 26.05
C SER A 274 14.53 -25.95 25.68
N LEU A 275 15.05 -26.76 24.77
CA LEU A 275 16.50 -26.75 24.45
C LEU A 275 16.97 -25.46 23.81
N LEU A 276 16.21 -24.93 22.86
CA LEU A 276 16.66 -23.71 22.19
C LEU A 276 16.69 -22.50 23.14
N PRO A 277 15.60 -22.27 23.89
CA PRO A 277 15.68 -21.10 24.77
C PRO A 277 16.78 -21.27 25.85
N LYS A 278 17.07 -22.51 26.24
CA LYS A 278 18.13 -22.80 27.22
C LYS A 278 19.50 -22.48 26.63
N SER A 279 19.69 -22.83 25.36
CA SER A 279 20.87 -22.46 24.61
C SER A 279 21.03 -20.94 24.49
N ALA A 280 19.95 -20.25 24.09
CA ALA A 280 19.96 -18.78 23.98
C ALA A 280 20.32 -18.10 25.31
N ASP A 281 19.72 -18.60 26.39
CA ASP A 281 20.00 -18.08 27.71
C ASP A 281 21.50 -18.22 28.05
N ALA A 282 22.06 -19.41 27.84
CA ALA A 282 23.49 -19.59 28.04
C ALA A 282 24.31 -18.61 27.19
N ALA A 283 23.69 -18.08 26.14
CA ALA A 283 24.37 -17.14 25.25
C ALA A 283 24.19 -15.69 25.70
N GLY A 284 23.51 -15.50 26.83
CA GLY A 284 23.20 -14.17 27.35
C GLY A 284 21.90 -13.61 26.75
N ILE A 285 21.08 -14.46 26.14
CA ILE A 285 19.80 -13.99 25.63
C ILE A 285 18.67 -14.52 26.48
N HIS A 286 18.09 -13.65 27.30
CA HIS A 286 16.95 -14.03 28.15
C HIS A 286 15.67 -14.22 27.33
N TYR A 287 14.69 -14.92 27.91
CA TYR A 287 13.48 -15.32 27.18
C TYR A 287 12.79 -14.13 26.49
N SER A 288 12.50 -13.08 27.23
CA SER A 288 11.74 -11.98 26.61
C SER A 288 12.47 -11.39 25.38
N LYS A 289 13.81 -11.41 25.42
CA LYS A 289 14.64 -10.84 24.35
C LYS A 289 14.74 -11.80 23.15
N LEU A 290 14.73 -13.10 23.42
CA LEU A 290 14.65 -14.10 22.37
C LEU A 290 13.36 -13.87 21.58
N LEU A 291 12.28 -13.56 22.28
CA LEU A 291 11.02 -13.32 21.60
C LEU A 291 11.12 -12.05 20.73
N ASP A 292 11.76 -11.00 21.26
CA ASP A 292 12.02 -9.78 20.48
C ASP A 292 12.83 -10.06 19.20
N ILE A 294 13.10 -12.87 17.58
CA ILE A 294 12.32 -13.70 16.65
C ILE A 294 11.37 -12.82 15.85
N ILE A 295 10.71 -11.90 16.52
CA ILE A 295 9.77 -11.04 15.81
C ILE A 295 10.55 -10.17 14.84
N GLU A 296 11.56 -9.49 15.38
CA GLU A 296 12.40 -8.58 14.62
C GLU A 296 13.06 -9.24 13.39
N THR A 297 13.71 -10.39 13.59
CA THR A 297 14.36 -11.12 12.49
C THR A 297 13.35 -11.70 11.49
N SER A 298 12.20 -12.14 11.99
CA SER A 298 11.15 -12.69 11.12
C SER A 298 10.62 -11.61 10.17
N LEU A 299 10.38 -10.41 10.69
CA LEU A 299 9.89 -9.32 9.83
C LEU A 299 10.90 -9.06 8.72
N ARG A 300 12.17 -8.97 9.07
CA ARG A 300 13.20 -8.74 8.06
C ARG A 300 13.15 -9.83 7.00
N VAL A 301 13.06 -11.08 7.45
CA VAL A 301 13.07 -12.22 6.54
C VAL A 301 11.82 -12.27 5.63
N ARG A 302 10.65 -12.00 6.19
CA ARG A 302 9.45 -12.10 5.39
C ARG A 302 9.50 -11.00 4.32
N LYS A 303 10.13 -9.87 4.67
CA LYS A 303 10.30 -8.78 3.70
C LYS A 303 11.24 -9.19 2.57
N GLU A 304 12.34 -9.86 2.91
CA GLU A 304 13.29 -10.32 1.89
C GLU A 304 12.65 -11.34 0.93
N GLU A 305 11.66 -12.09 1.42
CA GLU A 305 10.93 -13.06 0.59
C GLU A 305 9.96 -12.34 -0.34
N GLY A 306 9.50 -11.18 0.07
CA GLY A 306 8.46 -10.46 -0.63
C GLY A 306 7.08 -10.98 -0.27
N ALA B 3 -24.80 -38.59 -5.93
CA ALA B 3 -23.93 -38.03 -6.96
C ALA B 3 -22.82 -37.20 -6.33
N ARG B 5 -20.14 -34.61 -5.30
CA ARG B 5 -20.06 -33.19 -5.59
C ARG B 5 -18.60 -32.80 -5.90
N ILE B 6 -18.36 -32.33 -7.13
CA ILE B 6 -17.01 -31.99 -7.57
C ILE B 6 -16.84 -30.48 -7.68
N GLY B 7 -16.07 -29.89 -6.78
CA GLY B 7 -15.69 -28.49 -6.96
C GLY B 7 -14.67 -28.37 -8.07
N VAL B 8 -14.91 -27.46 -9.00
CA VAL B 8 -13.89 -27.15 -9.98
C VAL B 8 -13.29 -25.84 -9.52
N ILE B 9 -12.04 -25.90 -9.09
CA ILE B 9 -11.46 -24.77 -8.39
C ILE B 9 -10.62 -23.93 -9.34
N GLY B 11 -8.79 -19.94 -9.93
CA GLY B 11 -8.24 -18.83 -9.16
C GLY B 11 -6.92 -18.36 -9.74
N GLY B 12 -6.23 -17.54 -8.95
CA GLY B 12 -5.00 -16.90 -9.38
C GLY B 12 -5.21 -15.43 -9.62
N VAL B 13 -4.17 -14.76 -10.09
CA VAL B 13 -4.27 -13.36 -10.48
C VAL B 13 -3.70 -13.19 -11.89
N SER B 14 -4.12 -12.12 -12.56
CA SER B 14 -3.61 -11.77 -13.88
C SER B 14 -3.74 -12.88 -14.91
N SER B 15 -2.69 -13.04 -15.70
CA SER B 15 -2.64 -14.03 -16.77
C SER B 15 -2.93 -15.43 -16.25
N GLU B 16 -2.46 -15.75 -15.05
N GLU B 16 -2.45 -15.76 -15.06
CA GLU B 16 -2.69 -17.07 -14.51
CA GLU B 16 -2.70 -17.08 -14.52
C GLU B 16 -4.16 -17.36 -14.25
C GLU B 16 -4.16 -17.36 -14.25
N LYS B 17 -4.85 -16.38 -13.70
CA LYS B 17 -6.28 -16.55 -13.41
C LYS B 17 -7.10 -16.82 -14.68
N GLN B 18 -6.80 -16.06 -15.72
CA GLN B 18 -7.42 -16.25 -17.02
C GLN B 18 -7.23 -17.69 -17.53
N VAL B 19 -5.99 -18.19 -17.54
CA VAL B 19 -5.76 -19.58 -17.89
C VAL B 19 -6.57 -20.48 -16.98
N SER B 20 -6.65 -20.14 -15.69
CA SER B 20 -7.38 -20.99 -14.74
C SER B 20 -8.87 -21.08 -15.11
N ILE B 21 -9.49 -19.91 -15.28
CA ILE B 21 -10.89 -19.88 -15.69
C ILE B 21 -11.12 -20.63 -17.01
N THR B 23 -9.39 -23.12 -18.12
CA THR B 23 -9.24 -24.52 -17.82
C THR B 23 -10.48 -25.08 -17.08
N GLY B 24 -10.93 -24.36 -16.08
CA GLY B 24 -12.08 -24.81 -15.31
C GLY B 24 -13.32 -24.89 -16.18
N ASN B 25 -13.48 -23.93 -17.08
CA ASN B 25 -14.59 -24.03 -18.03
C ASN B 25 -14.55 -25.29 -18.88
N GLU B 26 -13.36 -25.64 -19.36
CA GLU B 26 -13.29 -26.86 -20.18
C GLU B 26 -13.66 -28.07 -19.34
N ILE B 28 -15.62 -28.15 -16.63
CA ILE B 28 -17.05 -28.10 -16.34
C ILE B 28 -17.84 -28.62 -17.54
N ALA B 29 -17.36 -28.33 -18.75
CA ALA B 29 -18.05 -28.72 -19.96
C ALA B 29 -17.95 -30.23 -20.21
N ASN B 30 -16.81 -30.81 -19.88
CA ASN B 30 -16.59 -32.22 -20.17
C ASN B 30 -16.82 -33.24 -19.03
N LEU B 31 -17.09 -32.76 -17.82
CA LEU B 31 -17.35 -33.65 -16.69
C LEU B 31 -18.71 -34.33 -16.84
N ASP B 32 -18.72 -35.66 -16.72
CA ASP B 32 -19.95 -36.43 -16.89
C ASP B 32 -21.05 -36.01 -15.90
N LYS B 33 -22.22 -35.62 -16.42
CA LYS B 33 -23.27 -35.08 -15.57
C LYS B 33 -24.04 -36.17 -14.82
N ASN B 34 -23.91 -37.41 -15.27
CA ASN B 34 -24.55 -38.53 -14.60
C ASN B 34 -23.79 -39.00 -13.36
N LYS B 35 -22.45 -38.95 -13.43
CA LYS B 35 -21.61 -39.34 -12.30
C LYS B 35 -21.51 -38.23 -11.24
N TYR B 36 -21.52 -36.98 -11.68
CA TYR B 36 -21.09 -35.88 -10.84
C TYR B 36 -22.15 -34.80 -10.70
N GLU B 37 -22.09 -34.08 -9.59
CA GLU B 37 -22.72 -32.78 -9.48
C GLU B 37 -21.58 -31.77 -9.51
N ILE B 38 -21.58 -30.90 -10.49
CA ILE B 38 -20.44 -30.02 -10.70
C ILE B 38 -20.64 -28.69 -9.99
N VAL B 39 -19.63 -28.28 -9.24
CA VAL B 39 -19.71 -27.07 -8.44
C VAL B 39 -18.59 -26.12 -8.81
N PRO B 40 -18.88 -25.19 -9.74
CA PRO B 40 -17.88 -24.20 -10.15
C PRO B 40 -17.45 -23.42 -8.92
N ILE B 41 -16.14 -23.25 -8.72
CA ILE B 41 -15.65 -22.43 -7.63
C ILE B 41 -14.55 -21.48 -8.08
N THR B 42 -14.80 -20.18 -7.93
CA THR B 42 -13.83 -19.18 -8.34
C THR B 42 -13.39 -18.37 -7.13
N LEU B 43 -12.09 -18.40 -6.85
CA LEU B 43 -11.53 -17.77 -5.68
C LEU B 43 -11.15 -16.33 -6.01
N ASN B 44 -11.82 -15.36 -5.40
CA ASN B 44 -11.42 -13.97 -5.51
C ASN B 44 -10.11 -13.76 -4.77
N GLU B 45 -10.10 -14.16 -3.51
CA GLU B 45 -8.89 -14.28 -2.68
C GLU B 45 -8.66 -15.77 -2.39
N LYS B 46 -7.40 -16.19 -2.27
CA LYS B 46 -7.09 -17.61 -2.07
C LYS B 46 -7.84 -18.24 -0.88
N ASP B 48 -10.60 -17.67 0.51
CA ASP B 48 -12.06 -17.84 0.30
C ASP B 48 -12.41 -19.29 0.00
N LEU B 49 -11.39 -20.06 -0.36
CA LEU B 49 -11.54 -21.48 -0.58
C LEU B 49 -12.22 -22.17 0.60
N ILE B 50 -11.88 -21.75 1.82
CA ILE B 50 -12.38 -22.41 3.02
C ILE B 50 -13.90 -22.33 3.13
N GLU B 51 -14.46 -21.18 2.81
N GLU B 51 -14.46 -21.18 2.81
CA GLU B 51 -15.91 -21.00 2.83
CA GLU B 51 -15.90 -20.99 2.81
C GLU B 51 -16.58 -21.86 1.75
C GLU B 51 -16.57 -21.85 1.75
N LYS B 52 -16.09 -21.74 0.53
CA LYS B 52 -16.72 -22.38 -0.63
C LYS B 52 -16.59 -23.89 -0.67
N ALA B 53 -15.59 -24.42 0.04
CA ALA B 53 -15.31 -25.85 -0.06
C ALA B 53 -16.14 -26.71 0.90
N LYS B 54 -17.02 -26.11 1.70
CA LYS B 54 -17.87 -26.93 2.56
C LYS B 54 -18.98 -27.59 1.74
N ASP B 55 -19.15 -27.14 0.51
CA ASP B 55 -20.22 -27.60 -0.37
C ASP B 55 -19.83 -28.80 -1.24
N ILE B 56 -18.62 -29.34 -1.07
CA ILE B 56 -18.10 -30.30 -2.04
C ILE B 56 -17.52 -31.57 -1.41
N ASP B 57 -17.61 -32.69 -2.13
CA ASP B 57 -16.88 -33.89 -1.73
C ASP B 57 -15.48 -34.02 -2.31
N PHE B 58 -15.16 -33.28 -3.37
CA PHE B 58 -13.83 -33.40 -3.99
C PHE B 58 -13.42 -32.11 -4.70
N ALA B 59 -12.15 -31.76 -4.61
CA ALA B 59 -11.65 -30.54 -5.26
C ALA B 59 -10.81 -30.95 -6.47
N LEU B 60 -11.36 -30.70 -7.66
CA LEU B 60 -10.64 -30.86 -8.92
C LEU B 60 -10.03 -29.50 -9.25
N LEU B 61 -8.71 -29.46 -9.33
CA LEU B 61 -7.99 -28.20 -9.40
C LEU B 61 -7.83 -27.73 -10.83
N ALA B 62 -8.42 -26.57 -11.11
CA ALA B 62 -8.30 -25.92 -12.41
C ALA B 62 -7.20 -24.84 -12.37
N LEU B 63 -6.45 -24.83 -11.29
CA LEU B 63 -5.42 -23.83 -11.07
C LEU B 63 -4.25 -23.92 -12.06
N HIS B 64 -3.53 -22.82 -12.21
CA HIS B 64 -2.40 -22.76 -13.09
C HIS B 64 -1.34 -21.88 -12.47
N GLY B 65 -0.06 -22.21 -12.65
CA GLY B 65 1.02 -21.40 -12.09
C GLY B 65 1.16 -21.49 -10.57
N LYS B 66 1.91 -20.54 -10.00
CA LYS B 66 2.30 -20.58 -8.60
C LYS B 66 1.14 -20.82 -7.63
N TYR B 67 0.00 -20.29 -7.96
CA TYR B 67 -1.12 -20.40 -7.08
C TYR B 67 -1.46 -21.84 -6.79
N GLY B 68 -1.35 -22.72 -7.76
CA GLY B 68 -1.58 -24.12 -7.49
C GLY B 68 -0.31 -24.92 -7.26
N GLU B 69 0.84 -24.33 -7.57
CA GLU B 69 2.14 -25.02 -7.41
C GLU B 69 2.76 -24.95 -6.03
N ASP B 70 2.64 -23.82 -5.35
CA ASP B 70 3.37 -23.69 -4.07
C ASP B 70 2.91 -24.63 -2.96
N GLY B 71 1.67 -25.12 -3.04
CA GLY B 71 1.22 -26.14 -2.10
C GLY B 71 0.22 -25.69 -1.06
N THR B 72 0.05 -24.38 -0.91
CA THR B 72 -0.93 -23.85 0.04
C THR B 72 -2.36 -24.35 -0.20
N VAL B 73 -2.79 -24.41 -1.45
CA VAL B 73 -4.14 -24.89 -1.74
C VAL B 73 -4.25 -26.37 -1.29
N GLN B 74 -3.29 -27.18 -1.71
CA GLN B 74 -3.27 -28.58 -1.32
C GLN B 74 -3.29 -28.78 0.22
N GLY B 75 -2.44 -28.04 0.92
CA GLY B 75 -2.37 -28.15 2.38
C GLY B 75 -3.65 -27.71 3.07
N THR B 76 -4.27 -26.67 2.53
CA THR B 76 -5.56 -26.20 3.03
C THR B 76 -6.66 -27.25 2.85
N LEU B 77 -6.78 -27.79 1.66
CA LEU B 77 -7.78 -28.83 1.40
C LEU B 77 -7.54 -30.05 2.28
N GLU B 78 -6.28 -30.46 2.41
CA GLU B 78 -5.93 -31.57 3.32
C GLU B 78 -6.37 -31.26 4.76
N SER B 79 -6.09 -30.07 5.22
CA SER B 79 -6.51 -29.68 6.57
C SER B 79 -8.04 -29.67 6.69
N LEU B 80 -8.76 -29.46 5.59
CA LEU B 80 -10.24 -29.46 5.65
C LEU B 80 -10.84 -30.86 5.53
N GLY B 81 -9.98 -31.85 5.31
CA GLY B 81 -10.44 -33.21 5.09
C GLY B 81 -11.04 -33.44 3.73
N ILE B 82 -10.76 -32.55 2.79
CA ILE B 82 -11.33 -32.63 1.45
C ILE B 82 -10.34 -33.19 0.44
N PRO B 83 -10.67 -34.37 -0.14
CA PRO B 83 -9.75 -34.93 -1.13
C PRO B 83 -9.66 -33.99 -2.33
N TYR B 84 -8.51 -33.93 -2.99
CA TYR B 84 -8.30 -33.00 -4.09
C TYR B 84 -7.41 -33.68 -5.12
N SER B 85 -7.35 -33.13 -6.34
CA SER B 85 -6.57 -33.74 -7.41
C SER B 85 -5.09 -33.39 -7.38
N GLY B 86 -4.26 -34.34 -7.80
CA GLY B 86 -2.87 -34.08 -8.10
C GLY B 86 -1.94 -34.28 -6.89
N SER B 87 -0.71 -33.80 -7.02
CA SER B 87 0.34 -33.98 -6.01
C SER B 87 0.07 -33.20 -4.73
N ASN B 88 0.60 -33.68 -3.60
CA ASN B 88 0.31 -33.03 -2.32
C ASN B 88 1.17 -31.79 -2.10
N LEU B 90 3.73 -31.06 -0.20
CA LEU B 90 5.19 -31.12 -0.18
C LEU B 90 5.73 -31.34 -1.59
N SER B 91 5.17 -32.34 -2.29
CA SER B 91 5.59 -32.60 -3.66
C SER B 91 5.46 -31.36 -4.54
N SER B 92 4.32 -30.68 -4.44
CA SER B 92 4.10 -29.48 -5.23
C SER B 92 5.21 -28.46 -4.96
N GLY B 93 5.38 -28.11 -3.69
CA GLY B 93 6.38 -27.12 -3.32
C GLY B 93 7.78 -27.51 -3.78
N ILE B 94 8.13 -28.77 -3.61
CA ILE B 94 9.43 -29.25 -4.09
C ILE B 94 9.56 -29.11 -5.58
N CYS B 95 8.54 -29.52 -6.34
CA CYS B 95 8.65 -29.41 -7.80
C CYS B 95 8.63 -27.97 -8.26
N ASP B 97 10.23 -25.66 -6.91
CA ASP B 97 11.53 -25.08 -6.57
C ASP B 97 12.58 -25.82 -7.38
N LYS B 98 13.16 -25.12 -8.36
CA LYS B 98 13.97 -25.79 -9.36
C LYS B 98 15.30 -26.23 -8.75
N ASN B 99 15.80 -25.41 -7.84
CA ASN B 99 17.05 -25.69 -7.16
C ASN B 99 16.91 -26.97 -6.33
N ILE B 100 15.93 -26.99 -5.46
CA ILE B 100 15.72 -28.14 -4.59
C ILE B 100 15.41 -29.42 -5.38
N SER B 101 14.49 -29.33 -6.34
CA SER B 101 14.13 -30.51 -7.13
C SER B 101 15.33 -31.00 -7.92
N LYS B 102 16.15 -30.09 -8.44
CA LYS B 102 17.36 -30.53 -9.11
C LYS B 102 18.32 -31.32 -8.21
N LYS B 103 18.48 -30.88 -6.96
CA LYS B 103 19.39 -31.52 -6.02
C LYS B 103 18.96 -32.95 -5.78
N ILE B 104 17.67 -33.11 -5.48
CA ILE B 104 17.09 -34.42 -5.29
C ILE B 104 17.23 -35.32 -6.54
N LEU B 105 16.91 -34.77 -7.70
CA LEU B 105 17.05 -35.57 -8.92
C LEU B 105 18.50 -36.04 -9.09
N ARG B 106 19.45 -35.12 -8.87
CA ARG B 106 20.85 -35.45 -9.09
C ARG B 106 21.33 -36.45 -8.05
N TYR B 107 20.88 -36.27 -6.82
CA TYR B 107 21.19 -37.22 -5.77
C TYR B 107 20.73 -38.61 -6.15
N GLU B 108 19.63 -38.66 -6.90
CA GLU B 108 19.04 -39.92 -7.30
C GLU B 108 19.68 -40.43 -8.59
N GLY B 109 20.65 -39.68 -9.12
CA GLY B 109 21.37 -40.10 -10.31
C GLY B 109 20.64 -39.81 -11.61
N ILE B 110 19.65 -38.93 -11.52
CA ILE B 110 18.89 -38.54 -12.69
C ILE B 110 19.56 -37.36 -13.38
N GLU B 111 19.71 -37.45 -14.69
CA GLU B 111 20.46 -36.45 -15.41
C GLU B 111 19.70 -35.12 -15.51
N THR B 112 20.35 -34.06 -15.06
CA THR B 112 19.79 -32.71 -15.20
C THR B 112 20.94 -31.75 -15.48
N PRO B 113 20.67 -30.65 -16.20
CA PRO B 113 21.80 -29.79 -16.56
C PRO B 113 22.53 -29.24 -15.33
N ASP B 114 23.86 -29.11 -15.42
CA ASP B 114 24.65 -28.50 -14.35
C ASP B 114 24.11 -27.10 -14.12
N TRP B 115 24.22 -26.62 -12.89
CA TRP B 115 23.63 -25.33 -12.54
C TRP B 115 24.25 -24.75 -11.26
N ILE B 116 23.81 -23.55 -10.91
CA ILE B 116 24.12 -22.96 -9.60
C ILE B 116 22.94 -22.11 -9.15
N GLU B 117 22.81 -21.98 -7.82
CA GLU B 117 21.77 -21.16 -7.19
C GLU B 117 22.32 -19.78 -6.83
N LEU B 118 21.48 -18.76 -6.98
CA LEU B 118 21.91 -17.38 -6.79
C LEU B 118 20.75 -16.57 -6.21
N THR B 119 21.06 -15.46 -5.54
CA THR B 119 20.01 -14.65 -4.92
C THR B 119 20.22 -13.14 -5.07
N LYS B 120 19.17 -12.37 -4.77
CA LYS B 120 19.26 -10.91 -4.71
C LYS B 120 20.23 -10.50 -3.62
N GLU B 122 22.63 -12.18 -1.92
CA GLU B 122 24.01 -12.60 -1.96
C GLU B 122 24.76 -11.87 -3.06
N ASP B 123 26.06 -12.16 -3.17
CA ASP B 123 26.91 -11.53 -4.17
C ASP B 123 27.14 -12.50 -5.30
N LEU B 124 27.14 -12.00 -6.53
CA LEU B 124 27.46 -12.83 -7.66
C LEU B 124 28.87 -13.38 -7.44
N ASN B 125 29.02 -14.70 -7.51
CA ASN B 125 30.33 -15.31 -7.31
C ASN B 125 30.98 -15.69 -8.63
N PHE B 126 32.02 -14.96 -8.97
CA PHE B 126 32.65 -15.05 -10.29
C PHE B 126 33.09 -16.48 -10.61
N ASP B 127 33.54 -17.18 -9.58
CA ASP B 127 34.18 -18.48 -9.74
C ASP B 127 33.33 -19.57 -10.39
N GLU B 128 32.19 -19.86 -9.77
CA GLU B 128 31.41 -21.04 -10.15
C GLU B 128 30.82 -20.96 -11.54
N LEU B 129 30.54 -19.74 -11.98
CA LEU B 129 29.97 -19.52 -13.29
C LEU B 129 30.82 -20.15 -14.39
N ASP B 130 32.12 -19.97 -14.31
CA ASP B 130 33.00 -20.36 -15.41
C ASP B 130 33.34 -21.85 -15.38
N LYS B 131 32.85 -22.56 -14.37
CA LYS B 131 32.85 -24.01 -14.43
C LYS B 131 31.71 -24.43 -15.36
N LEU B 132 30.71 -23.56 -15.47
CA LEU B 132 29.54 -23.79 -16.32
C LEU B 132 29.81 -23.46 -17.78
N GLY B 133 30.73 -22.54 -18.03
CA GLY B 133 31.00 -22.09 -19.38
C GLY B 133 29.78 -21.38 -19.97
N PHE B 134 29.68 -21.41 -21.29
CA PHE B 134 28.55 -20.78 -21.99
C PHE B 134 28.05 -21.64 -23.13
N PRO B 135 26.83 -21.36 -23.62
CA PRO B 135 25.86 -20.37 -23.10
C PRO B 135 25.19 -20.88 -21.82
N LEU B 136 24.56 -19.97 -21.09
CA LEU B 136 23.78 -20.36 -19.92
C LEU B 136 22.32 -20.03 -20.16
N VAL B 137 21.44 -20.75 -19.45
CA VAL B 137 20.03 -20.42 -19.45
C VAL B 137 19.67 -19.88 -18.07
N VAL B 138 18.94 -18.77 -18.04
CA VAL B 138 18.60 -18.13 -16.78
C VAL B 138 17.09 -18.15 -16.51
N LYS B 139 16.70 -18.78 -15.40
CA LYS B 139 15.29 -18.81 -15.02
C LYS B 139 15.08 -18.59 -13.52
N PRO B 140 13.97 -17.93 -13.17
CA PRO B 140 13.67 -17.71 -11.75
C PRO B 140 13.51 -19.07 -11.09
N ASN B 141 13.84 -19.18 -9.82
CA ASN B 141 13.81 -20.46 -9.13
C ASN B 141 12.41 -20.97 -8.84
N SER B 142 11.49 -20.06 -8.56
CA SER B 142 10.13 -20.43 -8.20
C SER B 142 9.17 -20.42 -9.38
N GLY B 143 9.69 -20.10 -10.57
CA GLY B 143 8.87 -20.06 -11.77
C GLY B 143 7.95 -18.85 -11.83
N GLY B 148 9.14 -17.71 -22.74
CA GLY B 148 9.90 -18.69 -23.51
C GLY B 148 11.18 -19.08 -22.79
N VAL B 149 12.30 -18.97 -23.50
CA VAL B 149 13.60 -19.31 -22.91
C VAL B 149 14.52 -18.09 -22.89
N LYS B 150 14.95 -17.68 -21.70
CA LYS B 150 15.88 -16.56 -21.58
C LYS B 150 17.31 -17.11 -21.52
N ILE B 151 18.09 -16.87 -22.56
CA ILE B 151 19.44 -17.44 -22.61
C ILE B 151 20.50 -16.37 -22.88
N VAL B 152 21.69 -16.61 -22.35
CA VAL B 152 22.78 -15.64 -22.41
C VAL B 152 24.02 -16.27 -23.01
N TYR B 153 24.55 -15.64 -24.06
CA TYR B 153 25.65 -16.24 -24.82
C TYR B 153 27.03 -15.77 -24.35
N ASP B 154 27.07 -14.80 -23.43
CA ASP B 154 28.34 -14.25 -22.97
C ASP B 154 28.26 -13.65 -21.55
N LYS B 155 29.42 -13.42 -20.94
CA LYS B 155 29.49 -12.93 -19.57
C LYS B 155 28.68 -11.64 -19.35
N ASP B 156 28.53 -10.85 -20.40
CA ASP B 156 27.89 -9.53 -20.32
C ASP B 156 26.38 -9.62 -20.20
N GLU B 157 25.76 -10.49 -20.99
CA GLU B 157 24.30 -10.66 -20.94
C GLU B 157 23.88 -11.22 -19.59
N LEU B 158 24.66 -12.18 -19.09
CA LEU B 158 24.38 -12.81 -17.80
C LEU B 158 24.18 -11.78 -16.67
N ILE B 159 25.24 -11.05 -16.35
CA ILE B 159 25.25 -10.08 -15.25
C ILE B 159 24.05 -9.14 -15.29
N SER B 160 23.75 -8.68 -16.49
CA SER B 160 22.61 -7.84 -16.77
C SER B 160 21.28 -8.56 -16.60
N LEU B 162 20.50 -10.96 -14.75
CA LEU B 162 20.20 -11.19 -13.36
C LEU B 162 19.56 -9.99 -12.73
N GLU B 163 20.07 -8.82 -13.04
CA GLU B 163 19.53 -7.62 -12.44
C GLU B 163 18.07 -7.43 -12.81
N THR B 164 17.73 -7.66 -14.07
CA THR B 164 16.36 -7.51 -14.52
C THR B 164 15.42 -8.51 -13.87
N VAL B 165 15.87 -9.76 -13.82
CA VAL B 165 15.09 -10.85 -13.29
C VAL B 165 14.81 -10.65 -11.83
N PHE B 166 15.81 -10.09 -11.18
CA PHE B 166 15.84 -9.92 -9.72
C PHE B 166 14.69 -9.03 -9.23
N GLU B 167 14.02 -8.37 -10.16
CA GLU B 167 12.74 -7.75 -9.85
C GLU B 167 11.70 -8.85 -9.68
N TRP B 168 11.74 -9.84 -10.59
CA TRP B 168 10.84 -11.00 -10.54
C TRP B 168 10.91 -11.77 -9.23
N ASP B 169 12.05 -12.42 -9.02
CA ASP B 169 12.22 -13.40 -7.96
C ASP B 169 13.48 -13.06 -7.15
N SER B 170 13.51 -13.50 -5.89
CA SER B 170 14.66 -13.30 -5.02
C SER B 170 15.75 -14.33 -5.30
N GLU B 171 15.34 -15.46 -5.88
CA GLU B 171 16.24 -16.59 -6.15
C GLU B 171 16.27 -16.97 -7.64
N VAL B 172 17.45 -17.31 -8.14
CA VAL B 172 17.57 -17.67 -9.54
C VAL B 172 18.41 -18.91 -9.73
N VAL B 173 18.13 -19.65 -10.80
CA VAL B 173 18.91 -20.81 -11.18
C VAL B 173 19.62 -20.50 -12.51
N ILE B 174 20.91 -20.79 -12.59
CA ILE B 174 21.65 -20.65 -13.83
C ILE B 174 22.08 -22.02 -14.33
N GLU B 175 21.56 -22.41 -15.49
CA GLU B 175 21.78 -23.74 -16.03
C GLU B 175 22.70 -23.68 -17.23
N LYS B 176 23.46 -24.75 -17.43
CA LYS B 176 24.21 -24.93 -18.68
C LYS B 176 23.18 -25.05 -19.81
N TYR B 177 23.46 -24.42 -20.95
CA TYR B 177 22.57 -24.52 -22.08
C TYR B 177 22.68 -25.91 -22.72
N ILE B 178 21.57 -26.61 -22.82
CA ILE B 178 21.54 -27.89 -23.50
C ILE B 178 20.90 -27.71 -24.89
N LYS B 179 21.67 -27.94 -25.94
CA LYS B 179 21.14 -27.84 -27.29
C LYS B 179 20.65 -29.21 -27.74
N GLY B 180 19.34 -29.35 -27.94
CA GLY B 180 18.81 -30.69 -28.16
C GLY B 180 17.41 -30.75 -28.74
N GLU B 181 16.83 -31.95 -28.69
CA GLU B 181 15.46 -32.14 -29.14
C GLU B 181 14.56 -32.13 -27.91
N GLU B 182 13.60 -31.22 -27.91
CA GLU B 182 12.76 -31.04 -26.75
C GLU B 182 11.58 -32.01 -26.78
N ILE B 183 11.31 -32.63 -25.65
CA ILE B 183 10.23 -33.59 -25.55
C ILE B 183 9.59 -33.40 -24.17
N THR B 184 8.41 -33.97 -24.01
N THR B 184 8.38 -33.92 -24.01
CA THR B 184 7.73 -33.88 -22.73
CA THR B 184 7.68 -33.86 -22.73
C THR B 184 6.97 -35.17 -22.45
C THR B 184 6.96 -35.17 -22.45
N CYS B 185 7.09 -35.63 -21.21
CA CYS B 185 6.61 -36.93 -20.79
C CYS B 185 5.58 -36.80 -19.68
N SER B 186 4.34 -37.13 -20.04
CA SER B 186 3.24 -37.07 -19.13
C SER B 186 3.17 -38.42 -18.46
N ILE B 187 2.93 -38.39 -17.15
CA ILE B 187 2.83 -39.60 -16.37
C ILE B 187 1.47 -39.59 -15.70
N PHE B 188 0.78 -40.73 -15.75
CA PHE B 188 -0.46 -40.86 -15.01
C PHE B 188 -0.42 -42.07 -14.08
N ASP B 189 -0.57 -41.80 -12.79
CA ASP B 189 -0.56 -42.83 -11.76
C ASP B 189 0.60 -43.81 -11.97
N GLY B 190 1.77 -43.27 -12.28
CA GLY B 190 2.97 -44.09 -12.35
C GLY B 190 3.20 -44.82 -13.66
N LYS B 191 2.40 -44.50 -14.67
CA LYS B 191 2.52 -45.10 -15.99
C LYS B 191 2.77 -43.99 -17.00
N GLN B 192 3.76 -44.20 -17.85
CA GLN B 192 4.12 -43.17 -18.82
C GLN B 192 3.13 -43.14 -19.99
N LEU B 193 2.71 -41.94 -20.41
CA LEU B 193 1.79 -41.81 -21.52
C LEU B 193 2.64 -41.54 -22.78
N PRO B 194 2.00 -41.49 -23.97
CA PRO B 194 2.77 -41.28 -25.20
C PRO B 194 3.59 -40.01 -25.11
N ILE B 195 4.84 -40.07 -25.58
CA ILE B 195 5.76 -38.94 -25.48
C ILE B 195 5.42 -37.90 -26.54
N ILE B 196 5.64 -36.64 -26.20
CA ILE B 196 5.36 -35.57 -27.15
C ILE B 196 6.62 -34.81 -27.51
N SER B 197 6.79 -34.60 -28.81
CA SER B 197 7.93 -33.86 -29.32
C SER B 197 7.53 -32.41 -29.57
N ILE B 198 8.41 -31.49 -29.19
CA ILE B 198 8.11 -30.08 -29.32
C ILE B 198 9.16 -29.43 -30.19
N ARG B 199 8.75 -28.95 -31.36
N ARG B 199 8.74 -28.92 -31.34
CA ARG B 199 9.66 -28.33 -32.32
CA ARG B 199 9.69 -28.30 -32.26
C ARG B 199 9.31 -26.85 -32.51
C ARG B 199 9.30 -26.85 -32.56
N HIS B 200 10.31 -26.04 -32.84
CA HIS B 200 10.13 -24.61 -33.06
C HIS B 200 10.69 -24.16 -34.42
N ALA B 201 9.91 -23.37 -35.16
CA ALA B 201 10.41 -22.77 -36.39
C ALA B 201 9.78 -21.40 -36.64
N ALA B 202 10.58 -20.43 -37.08
CA ALA B 202 10.05 -19.14 -37.47
C ALA B 202 9.19 -19.38 -38.70
N GLU B 203 9.67 -20.27 -39.57
CA GLU B 203 8.84 -20.84 -40.64
C GLU B 203 9.07 -22.35 -40.76
N PHE B 204 8.01 -23.14 -40.58
CA PHE B 204 8.11 -24.61 -40.67
C PHE B 204 8.14 -25.10 -42.11
N PHE B 205 8.74 -26.26 -42.33
CA PHE B 205 8.89 -26.80 -43.68
C PHE B 205 7.59 -27.40 -44.25
N SER B 215 4.56 -21.10 -35.25
CA SER B 215 5.18 -20.96 -33.93
C SER B 215 5.81 -22.26 -33.40
N THR B 216 4.95 -23.14 -32.90
CA THR B 216 5.40 -24.31 -32.17
C THR B 216 4.57 -25.49 -32.62
N ILE B 217 5.22 -26.64 -32.77
CA ILE B 217 4.47 -27.84 -33.10
C ILE B 217 4.68 -28.91 -32.04
N GLU B 218 3.56 -29.49 -31.62
CA GLU B 218 3.59 -30.52 -30.59
C GLU B 218 2.98 -31.75 -31.21
N GLU B 219 3.74 -32.83 -31.27
CA GLU B 219 3.17 -34.05 -31.83
C GLU B 219 3.63 -35.32 -31.15
N VAL B 220 2.73 -36.29 -31.07
CA VAL B 220 3.06 -37.58 -30.55
C VAL B 220 4.03 -38.21 -31.52
N ILE B 221 5.16 -38.64 -31.00
CA ILE B 221 6.19 -39.24 -31.82
C ILE B 221 6.61 -40.53 -31.15
N GLU B 222 6.86 -41.55 -31.99
CA GLU B 222 7.36 -42.79 -31.48
C GLU B 222 8.88 -42.70 -31.50
N LEU B 223 9.47 -42.68 -30.31
CA LEU B 223 10.93 -42.61 -30.16
C LEU B 223 11.59 -43.96 -30.44
N PRO B 224 12.85 -43.92 -30.93
CA PRO B 224 13.62 -45.14 -31.16
C PRO B 224 13.65 -45.96 -29.88
N ALA B 225 13.48 -47.28 -30.00
CA ALA B 225 13.21 -48.15 -28.84
C ALA B 225 14.12 -47.91 -27.64
N GLU B 226 15.41 -47.77 -27.90
CA GLU B 226 16.41 -47.55 -26.85
C GLU B 226 16.24 -46.23 -26.10
N LEU B 227 16.09 -45.14 -26.83
CA LEU B 227 15.90 -43.82 -26.24
C LEU B 227 14.64 -43.80 -25.41
N LYS B 228 13.56 -44.32 -26.00
CA LYS B 228 12.27 -44.39 -25.34
C LYS B 228 12.42 -45.06 -23.97
N GLU B 229 13.23 -46.11 -23.93
CA GLU B 229 13.48 -46.82 -22.69
C GLU B 229 14.16 -45.93 -21.66
N ARG B 230 15.17 -45.18 -22.06
CA ARG B 230 15.88 -44.30 -21.12
C ARG B 230 14.93 -43.20 -20.67
N VAL B 231 14.23 -42.62 -21.64
CA VAL B 231 13.26 -41.57 -21.34
C VAL B 231 12.21 -42.06 -20.35
N ASN B 232 11.67 -43.26 -20.58
CA ASN B 232 10.61 -43.75 -19.70
C ASN B 232 11.11 -43.97 -18.30
N LYS B 233 12.35 -44.47 -18.21
CA LYS B 233 12.99 -44.73 -16.94
C LYS B 233 13.20 -43.41 -16.19
N ALA B 234 13.77 -42.43 -16.87
CA ALA B 234 14.06 -41.15 -16.23
C ALA B 234 12.77 -40.44 -15.75
N SER B 235 11.78 -40.38 -16.62
CA SER B 235 10.57 -39.63 -16.29
C SER B 235 9.90 -40.25 -15.07
N LEU B 236 9.85 -41.58 -15.04
CA LEU B 236 9.21 -42.26 -13.95
C LEU B 236 10.03 -42.08 -12.66
N ALA B 237 11.35 -41.97 -12.80
CA ALA B 237 12.19 -41.83 -11.64
C ALA B 237 12.01 -40.44 -11.01
N CYS B 238 11.75 -39.45 -11.86
CA CYS B 238 11.50 -38.07 -11.37
C CYS B 238 10.21 -38.08 -10.60
N TYR B 239 9.19 -38.65 -11.22
CA TYR B 239 7.90 -38.80 -10.59
C TYR B 239 8.04 -39.36 -9.16
N LYS B 240 8.82 -40.43 -9.02
CA LYS B 240 9.00 -41.05 -7.70
C LYS B 240 9.86 -40.20 -6.76
N ALA B 241 10.93 -39.65 -7.30
CA ALA B 241 11.93 -38.97 -6.51
C ALA B 241 11.29 -37.77 -5.85
N LEU B 242 10.41 -37.10 -6.58
CA LEU B 242 9.78 -35.87 -6.09
C LEU B 242 8.43 -36.10 -5.42
N LYS B 243 8.06 -37.37 -5.24
CA LYS B 243 6.85 -37.70 -4.50
C LYS B 243 5.56 -37.21 -5.15
N CYS B 244 5.60 -37.07 -6.47
CA CYS B 244 4.44 -36.64 -7.22
C CYS B 244 3.41 -37.72 -7.16
N SER B 245 2.15 -37.33 -7.24
CA SER B 245 1.07 -38.29 -7.28
C SER B 245 -0.05 -37.91 -8.26
N VAL B 246 -0.77 -38.93 -8.71
CA VAL B 246 -1.89 -38.84 -9.64
C VAL B 246 -1.44 -38.56 -11.07
N TYR B 247 -0.82 -37.42 -11.30
CA TYR B 247 -0.28 -37.12 -12.62
C TYR B 247 0.79 -36.06 -12.56
N ALA B 248 1.64 -36.04 -13.56
CA ALA B 248 2.68 -35.05 -13.65
C ALA B 248 3.19 -34.97 -15.08
N ARG B 249 3.96 -33.93 -15.42
CA ARG B 249 4.53 -33.84 -16.76
C ARG B 249 6.01 -33.50 -16.58
N VAL B 250 6.88 -34.36 -17.09
CA VAL B 250 8.32 -34.09 -17.02
C VAL B 250 8.79 -33.55 -18.37
N ASP B 251 9.36 -32.35 -18.36
CA ASP B 251 9.92 -31.76 -19.58
C ASP B 251 11.42 -32.08 -19.65
N VAL B 254 16.62 -33.79 -25.13
CA VAL B 254 17.46 -34.91 -25.55
C VAL B 254 18.69 -34.43 -26.31
N LYS B 255 19.86 -34.88 -25.88
CA LYS B 255 21.11 -34.58 -26.57
C LYS B 255 21.98 -35.84 -26.68
N ASP B 256 22.30 -36.21 -27.92
CA ASP B 256 23.14 -37.38 -28.17
C ASP B 256 22.60 -38.64 -27.48
N GLY B 257 21.31 -38.89 -27.64
CA GLY B 257 20.68 -40.06 -27.04
C GLY B 257 20.47 -39.99 -25.53
N ILE B 258 20.96 -38.93 -24.88
CA ILE B 258 20.78 -38.79 -23.43
C ILE B 258 19.69 -37.74 -23.05
N PRO B 259 18.62 -38.19 -22.38
CA PRO B 259 17.58 -37.28 -21.87
C PRO B 259 18.07 -36.46 -20.67
N TYR B 260 17.79 -35.15 -20.68
CA TYR B 260 18.09 -34.29 -19.54
C TYR B 260 16.78 -33.73 -18.99
N VAL B 261 16.64 -33.69 -17.67
CA VAL B 261 15.42 -33.18 -17.06
C VAL B 261 15.51 -31.68 -16.84
N GLU B 263 12.54 -29.89 -15.99
CA GLU B 263 11.64 -29.69 -14.86
C GLU B 263 10.49 -30.66 -14.83
N VAL B 264 9.86 -30.68 -13.67
CA VAL B 264 8.79 -31.59 -13.35
C VAL B 264 7.60 -30.73 -12.95
N ASN B 265 6.47 -30.97 -13.60
N ASN B 265 6.47 -30.96 -13.60
CA ASN B 265 5.28 -30.15 -13.37
CA ASN B 265 5.28 -30.16 -13.37
C ASN B 265 4.20 -30.95 -12.67
C ASN B 265 4.18 -30.95 -12.68
N THR B 266 3.78 -30.48 -11.50
CA THR B 266 2.69 -31.12 -10.77
C THR B 266 1.35 -30.51 -11.17
N LEU B 267 1.40 -29.38 -11.86
CA LEU B 267 0.18 -28.74 -12.30
C LEU B 267 0.25 -28.40 -13.80
N PRO B 268 0.49 -29.40 -14.63
CA PRO B 268 0.60 -29.16 -16.07
C PRO B 268 -0.68 -28.59 -16.67
N GLY B 269 -0.57 -27.84 -17.75
CA GLY B 269 -1.74 -27.31 -18.42
C GLY B 269 -2.80 -28.37 -18.59
N THR B 271 -6.01 -27.90 -20.35
CA THR B 271 -7.00 -27.69 -21.40
C THR B 271 -6.89 -28.81 -22.43
N GLN B 272 -7.93 -28.97 -23.23
CA GLN B 272 -7.93 -29.94 -24.30
C GLN B 272 -6.76 -29.71 -25.25
N ALA B 273 -6.35 -28.47 -25.42
CA ALA B 273 -5.23 -28.15 -26.29
C ALA B 273 -3.88 -28.33 -25.61
N SER B 274 -3.90 -28.59 -24.30
CA SER B 274 -2.68 -28.75 -23.52
C SER B 274 -1.96 -30.10 -23.75
N LEU B 275 -0.68 -30.14 -23.40
CA LEU B 275 0.17 -31.29 -23.72
C LEU B 275 -0.21 -32.58 -23.02
N LEU B 276 -0.56 -32.53 -21.74
CA LEU B 276 -0.90 -33.75 -21.05
C LEU B 276 -2.22 -34.36 -21.61
N PRO B 277 -3.29 -33.55 -21.76
CA PRO B 277 -4.50 -34.10 -22.37
C PRO B 277 -4.28 -34.64 -23.79
N LYS B 278 -3.36 -34.03 -24.52
CA LYS B 278 -3.12 -34.50 -25.88
C LYS B 278 -2.44 -35.84 -25.83
N SER B 279 -1.47 -35.96 -24.93
CA SER B 279 -0.76 -37.19 -24.72
C SER B 279 -1.73 -38.31 -24.38
N ALA B 280 -2.60 -38.06 -23.40
CA ALA B 280 -3.64 -39.01 -23.04
C ALA B 280 -4.56 -39.30 -24.25
N ASP B 281 -4.97 -38.26 -24.96
CA ASP B 281 -5.76 -38.47 -26.18
C ASP B 281 -5.09 -39.48 -27.12
N ALA B 282 -3.80 -39.31 -27.36
CA ALA B 282 -3.03 -40.23 -28.17
C ALA B 282 -3.06 -41.67 -27.63
N ALA B 283 -3.34 -41.84 -26.33
CA ALA B 283 -3.43 -43.19 -25.75
C ALA B 283 -4.88 -43.71 -25.80
N GLY B 284 -5.79 -42.91 -26.36
CA GLY B 284 -7.19 -43.28 -26.44
C GLY B 284 -8.01 -42.81 -25.26
N ILE B 285 -7.42 -41.96 -24.41
CA ILE B 285 -8.16 -41.45 -23.27
C ILE B 285 -8.69 -40.07 -23.66
N HIS B 286 -10.01 -40.01 -23.84
CA HIS B 286 -10.67 -38.79 -24.23
C HIS B 286 -10.79 -37.89 -23.01
N TYR B 287 -10.95 -36.59 -23.26
CA TYR B 287 -10.86 -35.60 -22.20
C TYR B 287 -11.77 -35.93 -21.00
N SER B 288 -13.02 -36.24 -21.27
CA SER B 288 -13.97 -36.52 -20.20
C SER B 288 -13.51 -37.69 -19.32
N LYS B 289 -12.87 -38.66 -19.95
CA LYS B 289 -12.41 -39.86 -19.25
C LYS B 289 -11.16 -39.59 -18.42
N LEU B 290 -10.29 -38.73 -18.95
CA LEU B 290 -9.09 -38.32 -18.24
C LEU B 290 -9.47 -37.68 -16.91
N LEU B 291 -10.53 -36.87 -16.92
CA LEU B 291 -11.05 -36.26 -15.69
C LEU B 291 -11.58 -37.32 -14.72
N ASP B 292 -12.33 -38.30 -15.24
CA ASP B 292 -12.82 -39.43 -14.45
C ASP B 292 -11.69 -40.13 -13.72
N ILE B 294 -8.55 -38.85 -13.14
CA ILE B 294 -7.97 -37.92 -12.16
C ILE B 294 -8.74 -37.97 -10.85
N ILE B 295 -10.06 -37.83 -10.91
CA ILE B 295 -10.88 -37.92 -9.70
C ILE B 295 -10.71 -39.25 -8.95
N GLU B 296 -10.90 -40.34 -9.68
N GLU B 296 -10.91 -40.35 -9.67
CA GLU B 296 -10.81 -41.69 -9.12
CA GLU B 296 -10.82 -41.68 -9.09
C GLU B 296 -9.45 -41.99 -8.50
C GLU B 296 -9.45 -41.95 -8.49
N THR B 297 -8.40 -41.72 -9.27
CA THR B 297 -7.04 -41.94 -8.78
C THR B 297 -6.73 -41.05 -7.58
N SER B 298 -7.11 -39.78 -7.62
CA SER B 298 -6.81 -38.86 -6.49
C SER B 298 -7.48 -39.33 -5.21
N LEU B 299 -8.73 -39.81 -5.34
CA LEU B 299 -9.47 -40.30 -4.19
C LEU B 299 -8.68 -41.43 -3.51
N ARG B 300 -8.12 -42.33 -4.31
CA ARG B 300 -7.34 -43.44 -3.79
C ARG B 300 -6.09 -42.92 -3.09
N VAL B 301 -5.36 -42.03 -3.78
CA VAL B 301 -4.13 -41.49 -3.23
C VAL B 301 -4.32 -40.76 -1.89
N ARG B 302 -5.27 -39.84 -1.87
CA ARG B 302 -5.57 -39.09 -0.66
C ARG B 302 -5.86 -40.03 0.52
N LYS B 303 -6.52 -41.15 0.22
CA LYS B 303 -6.81 -42.17 1.23
C LYS B 303 -5.55 -42.92 1.67
N GLU B 304 -4.67 -43.22 0.73
CA GLU B 304 -3.37 -43.81 1.07
C GLU B 304 -2.55 -42.86 1.97
N GLU B 305 -2.67 -41.56 1.75
CA GLU B 305 -1.92 -40.60 2.57
C GLU B 305 -2.48 -40.50 4.00
N GLY B 306 -3.78 -40.73 4.15
CA GLY B 306 -4.43 -40.65 5.44
C GLY B 306 -5.66 -39.76 5.42
N ALA C 3 -24.53 7.93 23.68
CA ALA C 3 -23.74 8.99 24.30
C ALA C 3 -22.58 9.42 23.39
N ARG C 5 -19.22 10.81 21.70
CA ARG C 5 -17.80 10.78 22.04
C ARG C 5 -17.14 12.06 21.52
N ILE C 6 -16.65 12.89 22.43
CA ILE C 6 -16.07 14.16 22.01
C ILE C 6 -14.56 14.11 22.06
N GLY C 7 -13.91 14.12 20.89
CA GLY C 7 -12.46 14.30 20.85
C GLY C 7 -12.10 15.74 21.20
N VAL C 8 -11.23 15.94 22.18
CA VAL C 8 -10.71 17.28 22.44
C VAL C 8 -9.30 17.34 21.89
N ILE C 9 -9.14 18.11 20.81
CA ILE C 9 -7.94 18.06 19.98
C ILE C 9 -6.93 19.14 20.34
N GLY C 11 -2.66 20.24 20.12
CA GLY C 11 -1.55 20.07 19.20
C GLY C 11 -0.77 21.33 18.92
N GLY C 12 0.12 21.25 17.95
CA GLY C 12 1.03 22.35 17.66
C GLY C 12 2.38 22.12 18.34
N VAL C 13 3.27 23.10 18.24
CA VAL C 13 4.56 23.05 18.94
C VAL C 13 4.79 24.34 19.74
N SER C 14 5.78 24.28 20.64
CA SER C 14 6.22 25.44 21.42
C SER C 14 5.07 26.24 22.02
N SER C 15 5.08 27.56 21.84
CA SER C 15 4.10 28.45 22.46
C SER C 15 2.66 28.05 22.13
N GLU C 16 2.40 27.84 20.84
CA GLU C 16 1.09 27.43 20.31
C GLU C 16 0.59 26.17 21.03
N LYS C 17 1.45 25.15 21.13
CA LYS C 17 1.11 23.94 21.92
C LYS C 17 0.72 24.23 23.36
N GLN C 18 1.49 25.08 24.04
CA GLN C 18 1.17 25.44 25.42
C GLN C 18 -0.27 25.96 25.56
N VAL C 19 -0.67 26.84 24.66
CA VAL C 19 -2.01 27.44 24.77
C VAL C 19 -3.06 26.38 24.47
N SER C 20 -2.73 25.53 23.51
CA SER C 20 -3.62 24.44 23.11
C SER C 20 -3.92 23.50 24.27
N ILE C 21 -2.87 23.08 24.99
CA ILE C 21 -3.03 22.20 26.16
C ILE C 21 -3.84 22.88 27.24
N THR C 23 -6.00 25.31 26.84
CA THR C 23 -7.35 25.35 26.28
C THR C 23 -8.01 23.99 26.45
N GLY C 24 -7.32 22.94 25.99
CA GLY C 24 -7.78 21.58 26.15
C GLY C 24 -8.18 21.21 27.57
N ASN C 25 -7.37 21.59 28.56
CA ASN C 25 -7.65 21.22 29.95
C ASN C 25 -8.93 21.88 30.44
N GLU C 26 -9.09 23.16 30.10
CA GLU C 26 -10.30 23.88 30.52
C GLU C 26 -11.53 23.23 29.89
N ILE C 28 -11.87 20.07 28.75
CA ILE C 28 -12.05 18.80 29.43
C ILE C 28 -12.72 18.98 30.80
N ALA C 29 -12.26 19.96 31.58
CA ALA C 29 -12.81 20.17 32.92
C ALA C 29 -14.27 20.61 32.89
N ASN C 30 -14.64 21.39 31.86
CA ASN C 30 -15.97 21.97 31.76
C ASN C 30 -17.01 21.27 30.85
N LEU C 31 -16.64 20.18 30.21
CA LEU C 31 -17.60 19.46 29.39
C LEU C 31 -18.38 18.51 30.29
N ASP C 32 -19.70 18.44 30.15
CA ASP C 32 -20.46 17.57 31.05
C ASP C 32 -20.40 16.08 30.68
N LYS C 33 -20.26 15.24 31.69
CA LYS C 33 -20.20 13.80 31.46
C LYS C 33 -21.59 13.22 31.29
N ASN C 34 -22.60 14.03 31.58
CA ASN C 34 -23.97 13.64 31.27
C ASN C 34 -24.11 13.43 29.77
N LYS C 35 -23.80 14.46 29.00
CA LYS C 35 -23.94 14.41 27.54
C LYS C 35 -22.80 13.67 26.86
N TYR C 36 -21.59 13.75 27.40
CA TYR C 36 -20.40 13.43 26.61
C TYR C 36 -19.48 12.37 27.18
N GLU C 37 -18.84 11.63 26.28
CA GLU C 37 -17.71 10.80 26.60
C GLU C 37 -16.49 11.58 26.09
N ILE C 38 -15.64 12.04 27.00
CA ILE C 38 -14.55 12.95 26.65
C ILE C 38 -13.25 12.22 26.27
N VAL C 39 -12.67 12.57 25.12
CA VAL C 39 -11.47 11.88 24.64
C VAL C 39 -10.31 12.84 24.36
N PRO C 40 -9.42 13.03 25.34
CA PRO C 40 -8.26 13.92 25.15
C PRO C 40 -7.38 13.40 24.03
N ILE C 41 -7.03 14.25 23.08
CA ILE C 41 -6.19 13.85 21.95
C ILE C 41 -5.12 14.89 21.73
N THR C 42 -3.85 14.47 21.79
CA THR C 42 -2.75 15.39 21.55
C THR C 42 -2.05 15.01 20.26
N LEU C 43 -1.94 15.97 19.35
CA LEU C 43 -1.40 15.69 18.01
C LEU C 43 0.07 16.07 17.93
N ASN C 44 0.94 15.11 17.65
CA ASN C 44 2.31 15.46 17.27
C ASN C 44 2.57 15.45 15.74
N GLU C 45 1.57 15.07 14.96
CA GLU C 45 1.52 15.32 13.50
C GLU C 45 0.05 15.43 13.06
N LYS C 46 -0.27 16.32 12.13
CA LYS C 46 -1.66 16.50 11.71
C LYS C 46 -2.35 15.18 11.31
N ASP C 48 -1.96 12.34 12.33
CA ASP C 48 -2.33 11.51 13.48
C ASP C 48 -3.83 11.29 13.52
N LEU C 49 -4.58 12.28 13.09
CA LEU C 49 -6.03 12.21 13.17
C LEU C 49 -6.54 10.87 12.65
N ILE C 50 -5.96 10.40 11.54
CA ILE C 50 -6.48 9.17 10.94
C ILE C 50 -6.56 8.07 11.99
N GLU C 51 -5.49 7.86 12.74
CA GLU C 51 -5.50 6.83 13.80
C GLU C 51 -6.33 7.22 15.03
N LYS C 52 -6.06 8.42 15.56
CA LYS C 52 -6.66 8.89 16.81
C LYS C 52 -8.14 9.20 16.69
N ALA C 53 -8.59 9.52 15.48
CA ALA C 53 -9.94 10.01 15.25
C ALA C 53 -10.90 8.90 14.88
N LYS C 54 -10.40 7.67 14.85
CA LYS C 54 -11.28 6.53 14.62
C LYS C 54 -12.15 6.31 15.86
N ASP C 55 -11.74 6.90 16.98
CA ASP C 55 -12.43 6.71 18.25
C ASP C 55 -13.45 7.79 18.66
N ILE C 56 -13.69 8.78 17.79
CA ILE C 56 -14.53 9.91 18.17
C ILE C 56 -15.69 10.21 17.21
N ASP C 57 -16.81 10.67 17.76
CA ASP C 57 -17.94 11.12 16.94
C ASP C 57 -17.91 12.61 16.58
N PHE C 58 -17.06 13.40 17.25
CA PHE C 58 -16.97 14.82 16.94
C PHE C 58 -15.59 15.30 17.38
N ALA C 59 -15.04 16.32 16.74
CA ALA C 59 -13.74 16.83 17.17
C ALA C 59 -13.87 18.28 17.59
N LEU C 60 -13.70 18.51 18.89
CA LEU C 60 -13.75 19.86 19.41
C LEU C 60 -12.32 20.36 19.41
N LEU C 61 -12.05 21.37 18.61
CA LEU C 61 -10.68 21.82 18.40
C LEU C 61 -10.19 22.70 19.53
N ALA C 62 -9.14 22.24 20.22
CA ALA C 62 -8.44 23.04 21.24
C ALA C 62 -7.24 23.75 20.62
N LEU C 63 -7.10 23.68 19.31
CA LEU C 63 -5.90 24.18 18.66
C LEU C 63 -5.74 25.69 18.79
N HIS C 64 -4.52 26.15 18.60
CA HIS C 64 -4.22 27.58 18.66
C HIS C 64 -3.16 27.93 17.65
N GLY C 65 -3.32 29.07 16.98
CA GLY C 65 -2.32 29.48 16.00
C GLY C 65 -2.38 28.81 14.64
N LYS C 66 -1.28 28.96 13.88
CA LYS C 66 -1.21 28.47 12.50
C LYS C 66 -1.60 27.01 12.32
N TYR C 67 -1.20 26.16 13.25
CA TYR C 67 -1.47 24.74 13.09
C TYR C 67 -2.96 24.49 12.88
N GLY C 68 -3.80 25.25 13.61
CA GLY C 68 -5.23 25.11 13.47
C GLY C 68 -5.85 26.06 12.43
N GLU C 69 -5.15 27.13 12.10
CA GLU C 69 -5.69 28.12 11.15
C GLU C 69 -5.52 27.84 9.67
N ASP C 70 -4.56 27.01 9.27
CA ASP C 70 -4.27 26.84 7.84
C ASP C 70 -5.33 26.02 7.10
N GLY C 71 -6.14 25.25 7.83
CA GLY C 71 -7.22 24.50 7.19
C GLY C 71 -6.96 23.01 7.04
N THR C 72 -5.73 22.59 7.28
CA THR C 72 -5.32 21.19 7.06
C THR C 72 -6.05 20.23 8.00
N VAL C 73 -6.21 20.61 9.25
CA VAL C 73 -6.92 19.74 10.18
C VAL C 73 -8.41 19.63 9.81
N GLN C 74 -9.03 20.77 9.49
CA GLN C 74 -10.42 20.79 9.06
C GLN C 74 -10.64 19.88 7.87
N GLY C 75 -9.77 20.01 6.87
CA GLY C 75 -9.95 19.27 5.65
C GLY C 75 -9.76 17.78 5.89
N THR C 76 -8.94 17.45 6.87
CA THR C 76 -8.67 16.03 7.15
C THR C 76 -9.88 15.41 7.85
N LEU C 77 -10.36 16.09 8.88
CA LEU C 77 -11.57 15.67 9.57
C LEU C 77 -12.77 15.56 8.61
N GLU C 78 -12.92 16.53 7.71
CA GLU C 78 -14.00 16.50 6.71
C GLU C 78 -13.85 15.27 5.79
N SER C 79 -12.61 15.00 5.40
CA SER C 79 -12.30 13.86 4.55
C SER C 79 -12.65 12.56 5.26
N LEU C 80 -12.42 12.54 6.57
CA LEU C 80 -12.68 11.35 7.36
C LEU C 80 -14.16 11.27 7.76
N GLY C 81 -14.93 12.30 7.40
CA GLY C 81 -16.35 12.35 7.72
C GLY C 81 -16.62 12.45 9.22
N ILE C 82 -15.72 13.15 9.91
CA ILE C 82 -15.86 13.45 11.33
C ILE C 82 -16.25 14.91 11.47
N PRO C 83 -17.42 15.17 12.06
CA PRO C 83 -17.80 16.58 12.23
C PRO C 83 -16.82 17.20 13.22
N TYR C 84 -16.55 18.49 13.10
CA TYR C 84 -15.56 19.16 13.96
C TYR C 84 -15.98 20.62 14.18
N SER C 85 -15.39 21.30 15.17
CA SER C 85 -15.79 22.66 15.52
C SER C 85 -15.26 23.73 14.56
N GLY C 86 -16.06 24.79 14.37
CA GLY C 86 -15.54 26.00 13.75
C GLY C 86 -15.52 26.04 12.23
N SER C 87 -14.78 27.00 11.68
CA SER C 87 -14.86 27.28 10.24
C SER C 87 -14.17 26.17 9.44
N ASN C 88 -14.60 26.00 8.18
CA ASN C 88 -14.07 24.91 7.36
C ASN C 88 -12.68 25.21 6.78
N LEU C 90 -11.57 25.92 3.67
CA LEU C 90 -11.43 27.07 2.79
C LEU C 90 -11.48 28.34 3.61
N SER C 91 -12.50 28.43 4.47
CA SER C 91 -12.66 29.65 5.28
C SER C 91 -11.46 29.86 6.18
N SER C 92 -11.02 28.77 6.83
CA SER C 92 -9.82 28.87 7.67
C SER C 92 -8.65 29.43 6.86
N GLY C 93 -8.41 28.85 5.69
CA GLY C 93 -7.27 29.23 4.87
C GLY C 93 -7.37 30.69 4.48
N ILE C 94 -8.56 31.12 4.03
CA ILE C 94 -8.65 32.48 3.56
C ILE C 94 -8.46 33.45 4.71
N CYS C 95 -9.01 33.13 5.90
CA CYS C 95 -8.89 34.08 6.99
C CYS C 95 -7.46 34.15 7.50
N ASP C 97 -4.84 34.10 5.66
CA ASP C 97 -4.04 34.90 4.74
C ASP C 97 -4.48 36.35 4.88
N LYS C 98 -3.60 37.22 5.34
CA LYS C 98 -4.05 38.57 5.63
C LYS C 98 -4.27 39.38 4.36
N ASN C 99 -3.47 39.09 3.35
CA ASN C 99 -3.56 39.77 2.07
C ASN C 99 -4.86 39.39 1.32
N ILE C 100 -5.11 38.10 1.17
CA ILE C 100 -6.32 37.65 0.48
C ILE C 100 -7.58 38.11 1.22
N SER C 101 -7.57 37.97 2.54
N SER C 101 -7.58 37.99 2.54
CA SER C 101 -8.70 38.39 3.38
CA SER C 101 -8.77 38.37 3.31
C SER C 101 -9.12 39.82 3.04
C SER C 101 -9.15 39.84 3.08
N LYS C 102 -8.15 40.71 3.02
CA LYS C 102 -8.40 42.14 2.90
C LYS C 102 -8.91 42.51 1.52
N LYS C 103 -8.47 41.77 0.50
CA LYS C 103 -9.02 41.97 -0.82
C LYS C 103 -10.51 41.62 -0.82
N ILE C 104 -10.87 40.52 -0.19
CA ILE C 104 -12.25 40.10 -0.24
C ILE C 104 -13.10 41.17 0.49
N LEU C 105 -12.58 41.64 1.61
CA LEU C 105 -13.30 42.61 2.43
C LEU C 105 -13.46 43.93 1.69
N ARG C 106 -12.41 44.36 1.01
CA ARG C 106 -12.49 45.58 0.22
C ARG C 106 -13.53 45.48 -0.88
N TYR C 107 -13.61 44.33 -1.55
CA TYR C 107 -14.67 44.16 -2.54
C TYR C 107 -16.02 44.47 -1.88
N GLU C 108 -16.20 44.03 -0.63
CA GLU C 108 -17.48 44.20 0.05
C GLU C 108 -17.75 45.63 0.51
N GLY C 109 -16.78 46.53 0.35
CA GLY C 109 -16.93 47.87 0.89
C GLY C 109 -16.62 47.95 2.40
N ILE C 110 -15.99 46.91 2.95
CA ILE C 110 -15.65 46.94 4.36
C ILE C 110 -14.31 47.66 4.51
N GLU C 111 -14.22 48.62 5.44
CA GLU C 111 -13.00 49.41 5.55
C GLU C 111 -11.88 48.58 6.19
N THR C 112 -10.68 48.65 5.62
N THR C 112 -10.67 48.64 5.62
CA THR C 112 -9.47 48.05 6.17
CA THR C 112 -9.48 48.06 6.24
C THR C 112 -8.32 49.01 5.96
C THR C 112 -8.31 48.99 5.94
N PRO C 113 -7.24 48.90 6.75
CA PRO C 113 -6.06 49.73 6.48
C PRO C 113 -5.52 49.51 5.08
N ASP C 114 -5.15 50.59 4.41
CA ASP C 114 -4.45 50.49 3.13
C ASP C 114 -3.20 49.64 3.38
N TRP C 115 -2.83 48.77 2.43
CA TRP C 115 -1.72 47.84 2.65
C TRP C 115 -1.03 47.42 1.36
N ILE C 116 0.14 46.84 1.54
CA ILE C 116 0.93 46.23 0.48
C ILE C 116 1.32 44.82 0.90
N GLU C 117 1.60 43.97 -0.07
CA GLU C 117 2.11 42.65 0.21
C GLU C 117 3.44 42.50 -0.50
N LEU C 118 4.37 41.88 0.19
CA LEU C 118 5.71 41.62 -0.37
C LEU C 118 6.16 40.17 -0.20
N THR C 119 6.72 39.60 -1.26
CA THR C 119 7.31 38.27 -1.22
C THR C 119 8.82 38.45 -1.08
N LYS C 120 9.46 37.50 -0.41
CA LYS C 120 10.89 37.63 -0.11
C LYS C 120 11.69 38.08 -1.33
N GLU C 122 10.20 39.56 -4.05
CA GLU C 122 9.59 40.85 -4.36
C GLU C 122 10.35 41.95 -3.60
N ASP C 123 10.46 43.13 -4.19
CA ASP C 123 11.39 44.13 -3.69
C ASP C 123 10.80 45.44 -3.18
N LEU C 124 11.60 46.10 -2.34
CA LEU C 124 11.25 47.39 -1.76
C LEU C 124 11.14 48.47 -2.82
N ASN C 125 10.01 49.16 -2.82
CA ASN C 125 9.72 50.11 -3.89
C ASN C 125 9.00 51.37 -3.37
N PHE C 126 9.52 52.53 -3.75
CA PHE C 126 9.05 53.82 -3.24
C PHE C 126 7.57 54.09 -3.52
N ASP C 127 7.20 53.95 -4.79
CA ASP C 127 5.90 54.42 -5.26
C ASP C 127 4.74 54.03 -4.33
N GLU C 128 4.46 52.73 -4.26
CA GLU C 128 3.30 52.22 -3.52
C GLU C 128 3.55 52.31 -2.02
N LEU C 129 4.73 51.86 -1.61
CA LEU C 129 5.09 51.82 -0.20
C LEU C 129 5.08 53.21 0.42
N ASP C 130 5.57 54.20 -0.32
CA ASP C 130 5.57 55.55 0.21
C ASP C 130 4.25 56.28 -0.10
N LYS C 131 3.37 55.62 -0.84
CA LYS C 131 1.99 56.08 -0.93
C LYS C 131 1.38 55.93 0.46
N LEU C 132 1.81 54.89 1.18
CA LEU C 132 1.26 54.58 2.48
C LEU C 132 1.77 55.52 3.55
N GLY C 133 3.04 55.92 3.43
CA GLY C 133 3.63 56.84 4.37
C GLY C 133 4.07 56.17 5.65
N PHE C 134 3.95 56.87 6.77
CA PHE C 134 4.39 56.34 8.06
C PHE C 134 3.49 56.79 9.21
N PRO C 135 3.46 56.02 10.30
CA PRO C 135 4.18 54.73 10.40
C PRO C 135 3.44 53.57 9.73
N LEU C 136 4.06 52.40 9.75
CA LEU C 136 3.53 51.19 9.11
C LEU C 136 3.56 50.05 10.10
N VAL C 137 2.70 49.07 9.91
CA VAL C 137 2.73 47.86 10.71
C VAL C 137 3.11 46.70 9.80
N VAL C 138 4.15 45.95 10.17
CA VAL C 138 4.65 44.87 9.35
C VAL C 138 4.18 43.55 9.91
N LYS C 139 3.43 42.77 9.12
CA LYS C 139 3.00 41.47 9.60
C LYS C 139 3.28 40.40 8.59
N PRO C 140 3.72 39.23 9.06
CA PRO C 140 3.88 38.05 8.22
C PRO C 140 2.53 37.36 7.96
N ASN C 141 2.41 36.61 6.87
CA ASN C 141 1.21 35.79 6.60
C ASN C 141 1.51 34.55 5.74
N GLY C 148 5.31 37.86 16.15
CA GLY C 148 4.36 38.94 16.27
C GLY C 148 4.59 40.06 15.26
N VAL C 149 3.56 40.86 15.03
CA VAL C 149 3.66 42.03 14.15
C VAL C 149 4.38 43.19 14.84
N LYS C 150 4.97 44.07 14.05
CA LYS C 150 5.88 45.08 14.59
C LYS C 150 5.70 46.44 13.92
N ILE C 151 5.58 47.50 14.71
CA ILE C 151 5.38 48.84 14.16
C ILE C 151 6.69 49.50 13.73
N VAL C 152 6.65 50.29 12.65
CA VAL C 152 7.85 50.94 12.10
C VAL C 152 7.62 52.40 11.69
N TYR C 153 8.38 53.32 12.26
CA TYR C 153 8.23 54.75 11.96
C TYR C 153 9.20 55.32 10.93
N ASP C 154 10.13 54.50 10.47
CA ASP C 154 11.23 55.00 9.65
C ASP C 154 11.65 53.94 8.63
N LYS C 155 11.97 54.37 7.42
CA LYS C 155 12.34 53.45 6.36
C LYS C 155 13.39 52.46 6.83
N ASP C 156 14.43 52.97 7.48
CA ASP C 156 15.54 52.14 7.90
C ASP C 156 15.11 50.99 8.79
N GLU C 157 14.10 51.23 9.64
N GLU C 157 14.10 51.23 9.64
CA GLU C 157 13.55 50.17 10.48
CA GLU C 157 13.58 50.16 10.48
C GLU C 157 12.71 49.23 9.64
C GLU C 157 12.70 49.24 9.64
N LEU C 158 12.13 49.78 8.57
CA LEU C 158 11.32 49.00 7.64
C LEU C 158 12.23 48.09 6.82
N ILE C 159 13.25 48.68 6.21
CA ILE C 159 14.24 47.90 5.49
C ILE C 159 14.91 46.98 6.48
N SER C 160 14.85 47.33 7.75
CA SER C 160 15.43 46.49 8.80
C SER C 160 14.51 45.34 9.15
N LEU C 162 12.04 43.81 7.39
CA LEU C 162 11.75 42.79 6.40
C LEU C 162 12.76 41.65 6.41
N GLU C 163 14.00 41.94 6.78
CA GLU C 163 15.02 40.92 6.86
C GLU C 163 14.69 39.87 7.93
N THR C 164 14.48 40.33 9.15
CA THR C 164 14.09 39.46 10.24
C THR C 164 12.84 38.66 9.88
N VAL C 165 11.92 39.30 9.15
CA VAL C 165 10.68 38.64 8.75
C VAL C 165 10.89 37.65 7.62
N PHE C 166 11.75 38.01 6.67
CA PHE C 166 12.02 37.15 5.53
C PHE C 166 12.84 35.91 5.91
N GLU C 167 13.27 35.84 7.16
CA GLU C 167 13.92 34.62 7.67
C GLU C 167 12.90 33.49 7.83
N TRP C 168 11.84 33.76 8.57
CA TRP C 168 10.73 32.81 8.73
C TRP C 168 9.90 32.72 7.45
N ASP C 169 9.47 33.88 6.96
CA ASP C 169 8.37 33.97 5.99
C ASP C 169 8.75 34.46 4.58
N SER C 170 8.16 33.82 3.57
CA SER C 170 8.31 34.27 2.18
C SER C 170 7.32 35.38 1.83
N GLU C 171 6.30 35.57 2.66
CA GLU C 171 5.29 36.59 2.39
C GLU C 171 5.01 37.51 3.61
N VAL C 172 4.95 38.82 3.36
CA VAL C 172 4.70 39.78 4.44
C VAL C 172 3.73 40.86 3.95
N VAL C 173 2.86 41.33 4.85
CA VAL C 173 1.93 42.40 4.54
C VAL C 173 2.30 43.68 5.29
N ILE C 174 2.26 44.82 4.61
CA ILE C 174 2.58 46.09 5.25
C ILE C 174 1.36 47.01 5.25
N GLU C 175 0.86 47.31 6.44
CA GLU C 175 -0.36 48.10 6.63
C GLU C 175 -0.03 49.51 7.09
N LYS C 176 -0.79 50.49 6.63
CA LYS C 176 -0.71 51.85 7.17
C LYS C 176 -1.20 51.86 8.61
N TYR C 177 -0.44 52.49 9.50
CA TYR C 177 -0.77 52.51 10.92
C TYR C 177 -2.08 53.26 11.20
N ILE C 178 -2.97 52.64 11.96
CA ILE C 178 -4.23 53.27 12.27
C ILE C 178 -4.25 53.63 13.74
N LYS C 179 -4.20 54.93 14.03
CA LYS C 179 -4.24 55.38 15.41
C LYS C 179 -5.70 55.54 15.77
N GLY C 180 -6.17 54.76 16.73
CA GLY C 180 -7.59 54.74 17.01
C GLY C 180 -7.93 54.02 18.31
N GLU C 181 -9.20 53.66 18.46
N GLU C 181 -9.20 53.69 18.49
CA GLU C 181 -9.64 52.91 19.62
CA GLU C 181 -9.60 52.91 19.64
C GLU C 181 -9.79 51.46 19.23
C GLU C 181 -9.78 51.46 19.22
N GLU C 182 -9.03 50.57 19.87
CA GLU C 182 -9.05 49.18 19.48
C GLU C 182 -10.21 48.40 20.10
N ILE C 183 -10.93 47.66 19.27
CA ILE C 183 -12.03 46.82 19.75
C ILE C 183 -11.99 45.43 19.13
N THR C 184 -12.77 44.52 19.69
CA THR C 184 -12.85 43.18 19.13
C THR C 184 -14.29 42.70 19.27
N CYS C 185 -14.77 42.02 18.24
CA CYS C 185 -16.16 41.63 18.11
C CYS C 185 -16.27 40.15 17.83
N SER C 186 -16.82 39.45 18.81
CA SER C 186 -16.94 38.01 18.72
C SER C 186 -18.25 37.77 18.05
N ILE C 187 -18.30 36.77 17.17
CA ILE C 187 -19.55 36.39 16.54
C ILE C 187 -19.82 34.95 16.88
N PHE C 188 -21.05 34.65 17.25
CA PHE C 188 -21.42 33.27 17.42
C PHE C 188 -22.62 32.90 16.56
N ASP C 189 -22.40 31.97 15.63
CA ASP C 189 -23.43 31.48 14.71
C ASP C 189 -24.17 32.63 14.04
N GLY C 190 -23.43 33.63 13.55
CA GLY C 190 -24.07 34.68 12.80
C GLY C 190 -24.66 35.79 13.65
N LYS C 191 -24.45 35.72 14.97
CA LYS C 191 -24.97 36.73 15.91
C LYS C 191 -23.86 37.40 16.73
N GLN C 192 -23.89 38.72 16.78
CA GLN C 192 -22.88 39.50 17.50
C GLN C 192 -22.92 39.33 19.02
N LEU C 193 -21.77 39.08 19.63
CA LEU C 193 -21.71 39.04 21.08
C LEU C 193 -21.28 40.42 21.59
N PRO C 194 -21.26 40.62 22.92
CA PRO C 194 -20.84 41.93 23.40
C PRO C 194 -19.43 42.32 22.96
N ILE C 195 -19.31 43.60 22.61
CA ILE C 195 -18.07 44.15 22.11
C ILE C 195 -17.09 44.46 23.25
N ILE C 196 -15.82 44.16 23.01
CA ILE C 196 -14.79 44.35 24.03
C ILE C 196 -13.81 45.41 23.55
N SER C 197 -13.54 46.36 24.43
CA SER C 197 -12.58 47.42 24.14
C SER C 197 -11.23 46.99 24.65
N ILE C 198 -10.18 47.37 23.94
CA ILE C 198 -8.82 46.98 24.31
C ILE C 198 -7.93 48.21 24.30
N ARG C 199 -7.29 48.53 25.42
CA ARG C 199 -6.53 49.79 25.49
C ARG C 199 -5.36 49.80 26.46
N HIS C 200 -4.41 50.71 26.23
CA HIS C 200 -3.22 50.84 27.06
C HIS C 200 -3.50 51.55 28.38
N THR C 216 -2.53 46.74 30.10
CA THR C 216 -3.56 47.03 29.10
C THR C 216 -4.87 46.27 29.36
N ILE C 217 -5.94 47.02 29.58
CA ILE C 217 -7.23 46.48 30.00
C ILE C 217 -8.17 46.03 28.86
N GLU C 218 -8.81 44.88 29.07
CA GLU C 218 -9.86 44.40 28.17
C GLU C 218 -11.20 44.48 28.90
N GLU C 219 -12.08 45.35 28.41
CA GLU C 219 -13.36 45.59 29.06
C GLU C 219 -14.52 45.55 28.06
N VAL C 220 -15.62 44.91 28.42
CA VAL C 220 -16.86 45.04 27.67
C VAL C 220 -17.20 46.51 27.63
N ILE C 221 -17.52 47.02 26.45
CA ILE C 221 -17.81 48.43 26.30
C ILE C 221 -19.13 48.58 25.56
N GLU C 222 -19.95 49.53 25.99
CA GLU C 222 -21.19 49.83 25.30
C GLU C 222 -21.02 51.08 24.42
N LEU C 223 -20.96 50.87 23.11
CA LEU C 223 -20.67 51.95 22.19
C LEU C 223 -21.90 52.80 21.93
N PRO C 224 -21.69 54.08 21.57
CA PRO C 224 -22.82 54.93 21.15
C PRO C 224 -23.61 54.21 20.06
N ALA C 225 -24.93 54.29 20.11
CA ALA C 225 -25.82 53.45 19.31
C ALA C 225 -25.45 53.38 17.83
N GLU C 226 -25.22 54.52 17.21
CA GLU C 226 -25.02 54.54 15.77
C GLU C 226 -23.72 53.83 15.43
N LEU C 227 -22.67 54.06 16.22
CA LEU C 227 -21.40 53.41 15.97
C LEU C 227 -21.56 51.91 16.22
N LYS C 228 -22.22 51.59 17.32
CA LYS C 228 -22.48 50.18 17.65
C LYS C 228 -23.11 49.48 16.47
N GLU C 229 -24.13 50.09 15.87
CA GLU C 229 -24.80 49.51 14.72
C GLU C 229 -23.82 49.31 13.56
N ARG C 230 -22.98 50.32 13.32
CA ARG C 230 -21.97 50.26 12.26
C ARG C 230 -20.99 49.10 12.52
N VAL C 231 -20.50 49.00 13.75
CA VAL C 231 -19.56 47.95 14.11
C VAL C 231 -20.19 46.57 13.92
N ASN C 232 -21.40 46.38 14.41
CA ASN C 232 -22.06 45.07 14.35
C ASN C 232 -22.27 44.68 12.92
N LYS C 233 -22.59 45.68 12.12
CA LYS C 233 -22.84 45.40 10.72
C LYS C 233 -21.56 44.97 10.02
N ALA C 234 -20.45 45.65 10.33
CA ALA C 234 -19.17 45.31 9.71
C ALA C 234 -18.66 43.92 10.15
N SER C 235 -18.75 43.62 11.45
CA SER C 235 -18.25 42.33 11.94
C SER C 235 -19.04 41.18 11.33
N LEU C 236 -20.36 41.33 11.21
CA LEU C 236 -21.12 40.26 10.61
C LEU C 236 -20.79 40.15 9.12
N ALA C 237 -20.54 41.27 8.46
CA ALA C 237 -20.25 41.22 7.02
C ALA C 237 -18.93 40.51 6.75
N CYS C 238 -17.97 40.67 7.67
CA CYS C 238 -16.70 39.97 7.55
C CYS C 238 -16.91 38.46 7.63
N TYR C 239 -17.64 38.05 8.65
CA TYR C 239 -17.97 36.66 8.93
C TYR C 239 -18.58 36.05 7.68
N LYS C 240 -19.54 36.74 7.06
CA LYS C 240 -20.20 36.21 5.88
C LYS C 240 -19.23 36.19 4.71
N ALA C 241 -18.53 37.31 4.51
CA ALA C 241 -17.69 37.44 3.34
C ALA C 241 -16.60 36.37 3.30
N LEU C 242 -16.05 36.04 4.47
CA LEU C 242 -14.93 35.09 4.58
C LEU C 242 -15.40 33.65 4.83
N LYS C 243 -16.71 33.44 4.78
CA LYS C 243 -17.29 32.10 4.79
C LYS C 243 -17.09 31.36 6.09
N CYS C 244 -16.96 32.11 7.17
CA CYS C 244 -16.79 31.58 8.53
C CYS C 244 -18.01 30.85 8.99
N SER C 245 -17.77 29.92 9.90
CA SER C 245 -18.75 29.02 10.45
C SER C 245 -18.65 28.91 11.98
N VAL C 246 -19.79 28.77 12.65
CA VAL C 246 -19.87 28.55 14.09
C VAL C 246 -19.48 29.70 15.01
N TYR C 247 -18.26 30.19 14.90
CA TYR C 247 -17.82 31.32 15.68
C TYR C 247 -16.62 31.97 15.07
N ALA C 248 -16.36 33.20 15.41
CA ALA C 248 -15.21 33.89 14.94
C ALA C 248 -15.05 35.17 15.71
N ARG C 249 -13.92 35.81 15.55
CA ARG C 249 -13.71 37.05 16.25
C ARG C 249 -13.04 38.01 15.31
N VAL C 250 -13.58 39.23 15.25
CA VAL C 250 -13.09 40.22 14.31
C VAL C 250 -12.43 41.33 15.11
N ASP C 251 -11.20 41.67 14.77
CA ASP C 251 -10.49 42.72 15.48
C ASP C 251 -10.56 43.99 14.64
N VAL C 254 -11.21 51.65 15.58
CA VAL C 254 -12.14 52.70 15.21
C VAL C 254 -11.45 54.06 15.23
N LYS C 255 -11.50 54.78 14.12
CA LYS C 255 -10.87 56.09 14.02
C LYS C 255 -11.86 57.05 13.35
N ASP C 256 -12.09 58.21 13.97
CA ASP C 256 -13.05 59.17 13.45
C ASP C 256 -14.38 58.47 13.15
N GLY C 257 -14.81 57.63 14.08
CA GLY C 257 -16.06 56.91 13.92
C GLY C 257 -16.10 55.83 12.84
N ILE C 258 -14.99 55.58 12.16
CA ILE C 258 -14.97 54.55 11.13
C ILE C 258 -14.26 53.30 11.62
N PRO C 259 -14.99 52.18 11.75
CA PRO C 259 -14.32 50.91 12.07
C PRO C 259 -13.49 50.33 10.92
N TYR C 260 -12.24 50.00 11.20
CA TYR C 260 -11.34 49.40 10.21
C TYR C 260 -11.05 47.97 10.68
N VAL C 261 -11.22 46.99 9.80
CA VAL C 261 -10.99 45.61 10.20
C VAL C 261 -9.52 45.22 10.04
N GLU C 263 -8.26 42.04 11.44
CA GLU C 263 -8.17 40.61 11.27
C GLU C 263 -9.46 39.90 11.54
N VAL C 264 -9.61 38.75 10.89
CA VAL C 264 -10.72 37.87 11.21
C VAL C 264 -10.15 36.54 11.67
N ASN C 265 -10.46 36.17 12.91
CA ASN C 265 -9.94 34.93 13.51
C ASN C 265 -10.95 33.80 13.51
N THR C 266 -10.60 32.70 12.87
CA THR C 266 -11.49 31.53 12.90
C THR C 266 -11.12 30.64 14.06
N LEU C 267 -10.00 30.92 14.68
CA LEU C 267 -9.58 30.06 15.80
C LEU C 267 -9.20 30.93 17.00
N PRO C 268 -10.12 31.76 17.45
CA PRO C 268 -9.83 32.68 18.53
C PRO C 268 -9.51 31.95 19.84
N GLY C 269 -8.76 32.60 20.72
CA GLY C 269 -8.53 32.07 22.04
C GLY C 269 -9.78 31.54 22.68
N THR C 271 -9.71 29.89 26.04
CA THR C 271 -9.61 29.70 27.48
C THR C 271 -10.52 30.69 28.15
N GLN C 272 -10.76 30.50 29.44
CA GLN C 272 -11.65 31.38 30.14
C GLN C 272 -11.11 32.78 30.27
N ALA C 273 -9.81 32.97 30.18
CA ALA C 273 -9.24 34.33 30.17
C ALA C 273 -9.32 34.99 28.80
N SER C 274 -9.68 34.21 27.78
CA SER C 274 -9.68 34.66 26.37
C SER C 274 -10.86 35.60 26.01
N LEU C 275 -10.72 36.36 24.91
CA LEU C 275 -11.68 37.40 24.57
C LEU C 275 -13.06 36.86 24.26
N LEU C 276 -13.14 35.82 23.45
CA LEU C 276 -14.46 35.34 23.03
C LEU C 276 -15.25 34.79 24.22
N PRO C 277 -14.63 33.89 25.00
CA PRO C 277 -15.34 33.44 26.22
C PRO C 277 -15.75 34.58 27.15
N LYS C 278 -14.92 35.61 27.33
CA LYS C 278 -15.33 36.74 28.17
C LYS C 278 -16.58 37.39 27.57
N SER C 279 -16.56 37.56 26.26
N SER C 279 -16.57 37.57 26.26
CA SER C 279 -17.70 38.15 25.55
CA SER C 279 -17.71 38.15 25.57
C SER C 279 -18.96 37.32 25.75
C SER C 279 -18.97 37.33 25.77
N ALA C 280 -18.83 36.02 25.62
CA ALA C 280 -19.96 35.12 25.79
C ALA C 280 -20.44 35.24 27.24
N ASP C 281 -19.50 35.32 28.17
CA ASP C 281 -19.86 35.44 29.60
C ASP C 281 -20.68 36.71 29.85
N ALA C 282 -20.31 37.82 29.23
CA ALA C 282 -21.03 39.08 29.37
C ALA C 282 -22.43 39.03 28.74
N ALA C 283 -22.63 38.03 27.88
CA ALA C 283 -23.91 37.80 27.24
C ALA C 283 -24.73 36.79 28.01
N GLY C 284 -24.22 36.38 29.17
CA GLY C 284 -24.94 35.45 30.03
C GLY C 284 -24.61 33.99 29.74
N ILE C 285 -23.52 33.75 29.04
CA ILE C 285 -23.20 32.39 28.62
C ILE C 285 -22.02 31.87 29.40
N HIS C 286 -22.29 30.94 30.30
CA HIS C 286 -21.24 30.27 31.04
C HIS C 286 -20.39 29.41 30.12
N TYR C 287 -19.13 29.22 30.50
CA TYR C 287 -18.19 28.50 29.68
C TYR C 287 -18.67 27.11 29.30
N SER C 288 -19.14 26.32 30.26
CA SER C 288 -19.68 25.00 29.89
C SER C 288 -20.78 25.09 28.83
N LYS C 289 -21.60 26.13 28.90
CA LYS C 289 -22.69 26.31 27.96
C LYS C 289 -22.14 26.68 26.59
N LEU C 290 -21.10 27.52 26.57
CA LEU C 290 -20.48 27.91 25.32
C LEU C 290 -19.99 26.66 24.59
N LEU C 291 -19.34 25.77 25.33
CA LEU C 291 -18.89 24.50 24.76
C LEU C 291 -20.04 23.67 24.16
N ASP C 292 -21.11 23.45 24.91
CA ASP C 292 -22.31 22.78 24.37
C ASP C 292 -22.80 23.45 23.09
N ILE C 294 -21.11 25.30 20.92
CA ILE C 294 -20.15 25.07 19.83
C ILE C 294 -20.36 23.67 19.27
N ILE C 295 -20.44 22.69 20.15
CA ILE C 295 -20.71 21.33 19.70
C ILE C 295 -22.03 21.21 18.90
N GLU C 296 -23.14 21.65 19.48
CA GLU C 296 -24.44 21.55 18.80
C GLU C 296 -24.43 22.27 17.43
N THR C 297 -24.09 23.55 17.45
CA THR C 297 -24.03 24.33 16.22
C THR C 297 -23.11 23.71 15.18
N SER C 298 -21.92 23.26 15.59
CA SER C 298 -21.02 22.68 14.57
C SER C 298 -21.61 21.41 13.98
N LEU C 299 -22.28 20.61 14.80
CA LEU C 299 -22.97 19.43 14.29
C LEU C 299 -23.96 19.84 13.17
N ARG C 300 -24.74 20.88 13.44
CA ARG C 300 -25.72 21.36 12.47
C ARG C 300 -25.07 21.89 11.20
N VAL C 301 -23.99 22.65 11.35
CA VAL C 301 -23.32 23.27 10.22
C VAL C 301 -22.63 22.21 9.38
N ARG C 302 -21.97 21.26 10.03
CA ARG C 302 -21.33 20.19 9.27
C ARG C 302 -22.40 19.37 8.53
N LYS C 303 -23.54 19.12 9.18
CA LYS C 303 -24.65 18.43 8.53
C LYS C 303 -25.17 19.22 7.29
N GLU C 304 -25.32 20.52 7.44
CA GLU C 304 -25.72 21.41 6.36
C GLU C 304 -24.73 21.41 5.23
N GLU C 305 -23.44 21.40 5.55
CA GLU C 305 -22.42 21.46 4.52
C GLU C 305 -22.47 20.22 3.67
N GLY C 306 -22.35 20.38 2.36
CA GLY C 306 -22.34 19.20 1.51
C GLY C 306 -20.90 18.91 1.16
N PHE C 307 -20.34 17.84 1.76
CA PHE C 307 -18.92 17.54 1.58
C PHE C 307 -18.57 16.07 1.73
N ASN D 2 19.13 6.71 -7.57
CA ASN D 2 19.13 8.01 -8.23
C ASN D 2 17.76 8.41 -8.76
N ALA D 3 17.16 7.55 -9.58
CA ALA D 3 15.83 7.84 -10.15
C ALA D 3 14.85 8.19 -9.05
N ARG D 5 11.30 8.56 -7.27
CA ARG D 5 10.08 7.77 -7.30
C ARG D 5 8.85 8.70 -7.44
N ILE D 6 8.12 8.53 -8.54
CA ILE D 6 6.98 9.40 -8.86
C ILE D 6 5.67 8.66 -8.71
N GLY D 7 4.90 9.01 -7.69
CA GLY D 7 3.53 8.55 -7.58
C GLY D 7 2.63 9.25 -8.59
N VAL D 8 1.89 8.48 -9.39
CA VAL D 8 0.94 9.10 -10.30
C VAL D 8 -0.42 8.93 -9.68
N ILE D 9 -0.99 10.05 -9.22
CA ILE D 9 -2.16 10.02 -8.36
C ILE D 9 -3.44 10.12 -9.18
N GLY D 11 -7.80 9.23 -9.09
CA GLY D 11 -8.92 9.05 -8.19
C GLY D 11 -10.16 9.85 -8.55
N GLY D 12 -11.13 9.87 -7.63
CA GLY D 12 -12.40 10.56 -7.84
C GLY D 12 -13.50 9.58 -8.14
N VAL D 13 -14.67 10.08 -8.54
CA VAL D 13 -15.78 9.18 -8.87
C VAL D 13 -16.34 9.41 -10.28
N SER D 14 -17.08 8.43 -10.77
CA SER D 14 -17.77 8.52 -12.05
C SER D 14 -16.88 9.06 -13.17
N SER D 15 -17.40 10.04 -13.91
CA SER D 15 -16.75 10.57 -15.10
C SER D 15 -15.38 11.15 -14.77
N GLU D 16 -15.27 11.75 -13.59
N GLU D 16 -15.29 11.79 -13.61
CA GLU D 16 -14.02 12.36 -13.16
CA GLU D 16 -14.05 12.37 -13.14
C GLU D 16 -12.97 11.29 -12.90
C GLU D 16 -12.98 11.30 -12.88
N LYS D 17 -13.38 10.20 -12.27
CA LYS D 17 -12.48 9.07 -12.05
C LYS D 17 -11.92 8.63 -13.38
N GLN D 18 -12.79 8.54 -14.38
CA GLN D 18 -12.42 8.04 -15.69
C GLN D 18 -11.45 8.96 -16.40
N VAL D 19 -11.67 10.27 -16.28
CA VAL D 19 -10.72 11.24 -16.82
C VAL D 19 -9.36 11.11 -16.11
N SER D 20 -9.38 10.91 -14.79
CA SER D 20 -8.15 10.77 -13.99
C SER D 20 -7.36 9.55 -14.44
N ILE D 21 -8.08 8.45 -14.58
CA ILE D 21 -7.45 7.18 -14.98
C ILE D 21 -6.77 7.37 -16.33
N THR D 23 -5.82 10.14 -17.77
CA THR D 23 -4.71 11.08 -17.65
C THR D 23 -3.51 10.34 -17.04
N GLY D 24 -3.77 9.60 -15.96
CA GLY D 24 -2.71 8.90 -15.27
C GLY D 24 -1.99 7.95 -16.22
N ASN D 25 -2.75 7.30 -17.09
CA ASN D 25 -2.18 6.34 -18.03
C ASN D 25 -1.25 6.97 -19.06
N GLU D 26 -1.63 8.13 -19.58
CA GLU D 26 -0.73 8.85 -20.50
C GLU D 26 0.57 9.27 -19.81
N ILE D 28 1.95 7.86 -17.12
CA ILE D 28 2.74 6.67 -16.85
C ILE D 28 3.45 6.21 -18.12
N ALA D 29 2.74 6.28 -19.25
CA ALA D 29 3.32 5.86 -20.50
C ALA D 29 4.38 6.82 -21.02
N ASN D 30 4.29 8.09 -20.65
CA ASN D 30 5.27 9.09 -21.08
C ASN D 30 6.38 9.58 -20.13
N LEU D 31 6.36 9.19 -18.86
CA LEU D 31 7.40 9.64 -17.95
C LEU D 31 8.73 9.01 -18.35
N ASP D 32 9.80 9.81 -18.34
CA ASP D 32 11.12 9.35 -18.77
C ASP D 32 11.57 8.14 -17.92
N LYS D 33 11.86 7.03 -18.58
CA LYS D 33 12.21 5.80 -17.87
C LYS D 33 13.57 5.82 -17.17
N ASN D 34 14.49 6.66 -17.64
CA ASN D 34 15.77 6.81 -16.92
C ASN D 34 15.63 7.65 -15.64
N LYS D 35 14.86 8.73 -15.70
CA LYS D 35 14.78 9.66 -14.59
C LYS D 35 13.91 9.20 -13.42
N TYR D 36 12.92 8.35 -13.70
CA TYR D 36 11.90 8.07 -12.71
C TYR D 36 11.59 6.59 -12.50
N GLU D 37 11.29 6.27 -11.25
CA GLU D 37 10.59 5.03 -10.91
C GLU D 37 9.09 5.38 -10.76
N ILE D 38 8.22 4.76 -11.55
CA ILE D 38 6.80 5.13 -11.58
C ILE D 38 5.95 4.30 -10.62
N VAL D 39 5.29 4.97 -9.67
CA VAL D 39 4.39 4.27 -8.77
C VAL D 39 2.96 4.69 -9.02
N PRO D 40 2.18 3.81 -9.67
CA PRO D 40 0.76 4.15 -9.89
C PRO D 40 -0.05 4.10 -8.60
N ILE D 41 -0.88 5.12 -8.37
CA ILE D 41 -1.71 5.17 -7.17
C ILE D 41 -3.15 5.55 -7.51
N THR D 42 -4.07 4.63 -7.24
CA THR D 42 -5.49 4.87 -7.48
C THR D 42 -6.23 4.98 -6.15
N LEU D 43 -6.74 6.19 -5.86
CA LEU D 43 -7.41 6.49 -4.59
C LEU D 43 -8.88 6.13 -4.63
N ASN D 44 -9.37 5.37 -3.66
CA ASN D 44 -10.83 5.30 -3.44
C ASN D 44 -11.38 6.26 -2.38
N GLU D 45 -10.49 6.87 -1.62
CA GLU D 45 -10.81 7.90 -0.62
C GLU D 45 -9.58 8.77 -0.46
N LYS D 46 -9.76 10.06 -0.21
CA LYS D 46 -8.62 10.96 -0.27
C LYS D 46 -7.59 10.50 0.76
N ASP D 48 -6.75 7.66 1.58
CA ASP D 48 -5.95 6.52 1.11
C ASP D 48 -4.52 6.94 0.81
N LEU D 49 -4.32 8.23 0.65
CA LEU D 49 -2.99 8.77 0.37
C LEU D 49 -2.04 8.36 1.47
N ILE D 50 -2.52 8.40 2.70
CA ILE D 50 -1.69 8.19 3.89
C ILE D 50 -0.88 6.92 3.74
N GLU D 51 -1.57 5.82 3.47
CA GLU D 51 -0.95 4.51 3.34
C GLU D 51 -0.26 4.31 1.99
N LYS D 52 -0.91 4.78 0.92
CA LYS D 52 -0.44 4.50 -0.42
C LYS D 52 0.74 5.37 -0.83
N ALA D 53 0.93 6.48 -0.15
CA ALA D 53 1.97 7.44 -0.53
C ALA D 53 3.30 7.27 0.20
N LYS D 54 3.40 6.26 1.06
CA LYS D 54 4.57 6.13 1.92
C LYS D 54 5.88 6.00 1.15
N ASP D 55 5.80 5.36 -0.02
N ASP D 55 5.78 5.40 -0.04
CA ASP D 55 6.99 4.98 -0.78
CA ASP D 55 6.92 4.96 -0.82
C ASP D 55 7.44 5.91 -1.91
C ASP D 55 7.40 5.90 -1.94
N ILE D 56 6.84 7.09 -2.03
CA ILE D 56 7.16 7.97 -3.15
C ILE D 56 7.95 9.22 -2.76
N ASP D 57 8.76 9.73 -3.69
CA ASP D 57 9.42 11.03 -3.49
C ASP D 57 8.65 12.24 -4.00
N PHE D 58 7.69 12.02 -4.89
CA PHE D 58 6.93 13.14 -5.43
C PHE D 58 5.57 12.62 -5.86
N ALA D 59 4.53 13.45 -5.70
CA ALA D 59 3.18 13.07 -6.13
C ALA D 59 2.78 13.88 -7.35
N LEU D 60 2.68 13.21 -8.49
CA LEU D 60 2.31 13.87 -9.72
C LEU D 60 0.80 13.70 -9.88
N LEU D 61 0.05 14.80 -9.81
CA LEU D 61 -1.42 14.71 -9.77
C LEU D 61 -2.01 14.47 -11.15
N ALA D 62 -2.71 13.33 -11.27
CA ALA D 62 -3.48 12.93 -12.45
C ALA D 62 -4.95 13.27 -12.24
N LEU D 63 -5.25 13.96 -11.16
CA LEU D 63 -6.64 14.20 -10.77
C LEU D 63 -7.35 15.14 -11.73
N HIS D 64 -8.68 15.09 -11.71
CA HIS D 64 -9.50 15.97 -12.52
C HIS D 64 -10.80 16.32 -11.79
N GLY D 65 -11.30 17.55 -11.99
CA GLY D 65 -12.47 18.00 -11.27
C GLY D 65 -12.27 18.34 -9.79
N LYS D 66 -13.39 18.41 -9.07
CA LYS D 66 -13.42 18.97 -7.73
C LYS D 66 -12.56 18.17 -6.77
N TYR D 67 -12.50 16.86 -7.03
CA TYR D 67 -11.76 15.95 -6.16
C TYR D 67 -10.33 16.45 -5.98
N GLY D 68 -9.73 16.95 -7.06
CA GLY D 68 -8.41 17.53 -7.01
C GLY D 68 -8.32 19.04 -6.82
N GLU D 69 -9.39 19.77 -7.10
CA GLU D 69 -9.40 21.24 -7.00
C GLU D 69 -9.65 21.85 -5.61
N ASP D 70 -10.30 21.12 -4.71
CA ASP D 70 -10.72 21.74 -3.45
C ASP D 70 -9.53 21.96 -2.46
N GLY D 71 -8.40 21.30 -2.68
CA GLY D 71 -7.20 21.58 -1.90
C GLY D 71 -6.88 20.49 -0.89
N THR D 72 -7.83 19.59 -0.66
CA THR D 72 -7.65 18.57 0.35
C THR D 72 -6.45 17.69 0.05
N VAL D 73 -6.41 17.18 -1.18
CA VAL D 73 -5.34 16.30 -1.53
C VAL D 73 -4.00 16.99 -1.38
N GLN D 74 -3.94 18.26 -1.77
CA GLN D 74 -2.70 19.04 -1.62
C GLN D 74 -2.31 19.23 -0.16
N GLY D 75 -3.28 19.58 0.67
CA GLY D 75 -3.03 19.79 2.08
C GLY D 75 -2.52 18.50 2.72
N THR D 76 -3.07 17.37 2.32
CA THR D 76 -2.65 16.11 2.88
C THR D 76 -1.19 15.81 2.49
N LEU D 77 -0.88 15.87 1.21
CA LEU D 77 0.49 15.65 0.75
C LEU D 77 1.44 16.63 1.45
N GLU D 78 1.04 17.90 1.56
CA GLU D 78 1.90 18.87 2.22
C GLU D 78 2.16 18.42 3.67
N SER D 79 1.12 17.90 4.31
CA SER D 79 1.21 17.48 5.72
C SER D 79 2.15 16.26 5.87
N LEU D 80 2.16 15.40 4.87
CA LEU D 80 2.99 14.21 4.86
C LEU D 80 4.37 14.58 4.38
N GLY D 81 4.59 15.87 4.12
CA GLY D 81 5.91 16.34 3.69
C GLY D 81 6.33 15.75 2.35
N ILE D 82 5.35 15.50 1.48
CA ILE D 82 5.62 14.94 0.15
C ILE D 82 5.34 16.00 -0.89
N PRO D 83 6.37 16.37 -1.64
CA PRO D 83 6.21 17.35 -2.71
C PRO D 83 5.25 16.86 -3.80
N TYR D 84 4.42 17.76 -4.31
CA TYR D 84 3.40 17.39 -5.31
C TYR D 84 3.31 18.47 -6.40
N SER D 85 2.62 18.16 -7.51
CA SER D 85 2.53 19.06 -8.65
C SER D 85 1.44 20.14 -8.52
N GLY D 86 1.69 21.30 -9.11
CA GLY D 86 0.65 22.31 -9.24
C GLY D 86 0.46 23.20 -8.04
N SER D 87 -0.65 23.91 -8.06
CA SER D 87 -0.98 24.90 -7.04
C SER D 87 -1.25 24.28 -5.68
N ASN D 88 -0.92 25.03 -4.63
CA ASN D 88 -1.09 24.50 -3.28
C ASN D 88 -2.54 24.47 -2.77
N LEU D 90 -4.33 26.25 -0.61
CA LEU D 90 -5.09 27.48 -0.54
C LEU D 90 -5.46 28.01 -1.92
N SER D 91 -4.48 28.03 -2.81
CA SER D 91 -4.69 28.50 -4.16
C SER D 91 -5.73 27.62 -4.91
N SER D 92 -5.65 26.32 -4.73
CA SER D 92 -6.63 25.41 -5.31
C SER D 92 -8.04 25.79 -4.83
N GLY D 93 -8.22 25.93 -3.52
CA GLY D 93 -9.53 26.19 -2.96
C GLY D 93 -10.09 27.53 -3.42
N ILE D 94 -9.24 28.55 -3.41
CA ILE D 94 -9.62 29.87 -3.89
C ILE D 94 -10.03 29.83 -5.37
N CYS D 95 -9.25 29.14 -6.21
CA CYS D 95 -9.55 29.07 -7.63
C CYS D 95 -10.79 28.24 -7.93
N ASP D 97 -13.48 28.22 -6.04
CA ASP D 97 -14.65 28.99 -5.60
C ASP D 97 -14.75 30.20 -6.53
N LYS D 98 -15.74 30.18 -7.42
CA LYS D 98 -15.79 31.19 -8.48
C LYS D 98 -16.06 32.58 -7.90
N ASN D 99 -16.89 32.62 -6.87
CA ASN D 99 -17.28 33.87 -6.25
C ASN D 99 -16.12 34.57 -5.55
N ILE D 100 -15.35 33.81 -4.78
CA ILE D 100 -14.15 34.38 -4.16
C ILE D 100 -13.09 34.74 -5.18
N SER D 101 -12.84 33.84 -6.16
CA SER D 101 -11.90 34.17 -7.22
C SER D 101 -12.23 35.50 -7.88
N LYS D 102 -13.51 35.67 -8.24
CA LYS D 102 -13.94 36.87 -8.94
C LYS D 102 -13.78 38.14 -8.07
N LYS D 103 -14.07 38.03 -6.79
CA LYS D 103 -13.86 39.18 -5.89
C LYS D 103 -12.38 39.59 -5.88
N ILE D 104 -11.48 38.62 -5.81
CA ILE D 104 -10.06 38.93 -5.83
C ILE D 104 -9.62 39.53 -7.18
N LEU D 105 -10.09 38.92 -8.28
CA LEU D 105 -9.72 39.45 -9.58
C LEU D 105 -10.22 40.88 -9.74
N ARG D 106 -11.45 41.11 -9.30
CA ARG D 106 -12.04 42.43 -9.42
C ARG D 106 -11.25 43.45 -8.57
N TYR D 107 -10.72 43.03 -7.42
CA TYR D 107 -9.96 43.93 -6.54
C TYR D 107 -8.75 44.49 -7.26
N GLU D 108 -8.10 43.60 -7.99
CA GLU D 108 -6.93 43.87 -8.81
C GLU D 108 -7.23 44.66 -10.10
N GLY D 109 -8.51 44.92 -10.38
CA GLY D 109 -8.86 45.64 -11.60
C GLY D 109 -8.84 44.75 -12.82
N ILE D 110 -8.87 43.44 -12.62
CA ILE D 110 -8.89 42.52 -13.76
C ILE D 110 -10.33 42.34 -14.18
N GLU D 111 -10.58 42.43 -15.47
CA GLU D 111 -11.92 42.41 -16.01
C GLU D 111 -12.56 41.02 -15.85
N THR D 112 -13.71 40.96 -15.22
CA THR D 112 -14.44 39.72 -15.09
C THR D 112 -15.91 40.12 -15.15
N PRO D 113 -16.79 39.23 -15.63
CA PRO D 113 -18.18 39.63 -15.82
C PRO D 113 -18.87 39.99 -14.50
N ASP D 114 -19.72 41.01 -14.54
CA ASP D 114 -20.50 41.42 -13.40
C ASP D 114 -21.37 40.25 -12.96
N TRP D 115 -21.61 40.13 -11.66
CA TRP D 115 -22.27 38.95 -11.16
C TRP D 115 -22.98 39.17 -9.83
N ILE D 116 -23.85 38.24 -9.51
CA ILE D 116 -24.49 38.19 -8.21
C ILE D 116 -24.17 36.82 -7.62
N GLU D 117 -23.81 36.75 -6.34
CA GLU D 117 -23.63 35.46 -5.69
C GLU D 117 -24.90 35.15 -4.92
N LEU D 118 -25.32 33.89 -4.90
CA LEU D 118 -26.55 33.57 -4.20
C LEU D 118 -26.48 32.15 -3.65
N THR D 119 -27.03 31.95 -2.45
CA THR D 119 -27.03 30.61 -1.83
C THR D 119 -28.48 30.19 -1.80
N LYS D 120 -28.70 28.89 -1.73
CA LYS D 120 -30.05 28.38 -1.85
C LYS D 120 -30.98 28.85 -0.73
N GLU D 122 -31.01 31.95 0.41
CA GLU D 122 -31.08 33.40 0.38
C GLU D 122 -32.20 33.92 -0.50
N ASP D 123 -32.35 35.23 -0.43
CA ASP D 123 -33.37 35.95 -1.14
C ASP D 123 -32.72 36.72 -2.29
N LEU D 124 -33.21 36.49 -3.49
CA LEU D 124 -32.63 37.16 -4.64
C LEU D 124 -33.14 38.60 -4.66
N ASN D 125 -32.24 39.56 -4.81
CA ASN D 125 -32.69 40.95 -4.85
C ASN D 125 -32.93 41.43 -6.26
N PHE D 126 -34.18 41.69 -6.59
CA PHE D 126 -34.55 42.06 -7.95
C PHE D 126 -33.93 43.38 -8.46
N ASP D 127 -33.72 44.34 -7.56
CA ASP D 127 -33.08 45.58 -7.95
C ASP D 127 -31.68 45.26 -8.48
N GLU D 128 -30.91 44.53 -7.69
CA GLU D 128 -29.56 44.12 -8.09
C GLU D 128 -29.59 43.30 -9.38
N LEU D 129 -30.50 42.34 -9.46
CA LEU D 129 -30.65 41.47 -10.61
C LEU D 129 -30.88 42.30 -11.88
N ASP D 130 -31.81 43.25 -11.79
CA ASP D 130 -32.14 44.09 -12.94
C ASP D 130 -30.92 44.85 -13.43
N LYS D 131 -30.05 45.28 -12.53
CA LYS D 131 -28.82 45.95 -12.95
C LYS D 131 -27.94 45.03 -13.80
N LEU D 132 -28.07 43.71 -13.62
CA LEU D 132 -27.27 42.78 -14.39
C LEU D 132 -27.78 42.74 -15.82
N GLY D 133 -29.10 42.78 -15.96
CA GLY D 133 -29.73 42.65 -17.26
C GLY D 133 -29.83 41.21 -17.72
N PHE D 134 -30.15 41.04 -18.99
CA PHE D 134 -30.21 39.74 -19.65
C PHE D 134 -29.44 39.82 -20.96
N PRO D 135 -28.96 38.67 -21.47
CA PRO D 135 -29.02 37.33 -20.88
C PRO D 135 -28.07 37.12 -19.67
N LEU D 136 -28.33 36.06 -18.92
CA LEU D 136 -27.49 35.72 -17.76
C LEU D 136 -27.01 34.29 -17.85
N VAL D 137 -25.91 33.99 -17.14
CA VAL D 137 -25.36 32.66 -17.08
C VAL D 137 -25.39 32.22 -15.61
N VAL D 138 -25.98 31.06 -15.34
CA VAL D 138 -26.02 30.53 -13.99
C VAL D 138 -24.98 29.43 -13.86
N LYS D 139 -24.11 29.53 -12.85
CA LYS D 139 -23.05 28.53 -12.62
C LYS D 139 -22.93 28.13 -11.15
N PRO D 140 -22.72 26.82 -10.90
CA PRO D 140 -22.43 26.36 -9.53
C PRO D 140 -21.15 27.05 -9.05
N ASN D 141 -21.18 27.61 -7.85
CA ASN D 141 -20.06 28.38 -7.28
C ASN D 141 -18.80 27.55 -7.21
N SER D 142 -18.96 26.28 -6.84
CA SER D 142 -17.80 25.36 -6.75
C SER D 142 -17.50 24.54 -8.01
N GLY D 143 -18.21 24.84 -9.10
CA GLY D 143 -17.92 24.23 -10.40
C GLY D 143 -18.32 22.76 -10.47
N GLY D 144 -17.42 21.90 -10.94
CA GLY D 144 -17.76 20.50 -11.08
C GLY D 144 -18.46 20.19 -12.40
N SER D 145 -18.64 18.91 -12.68
CA SER D 145 -19.28 18.42 -13.91
C SER D 145 -20.74 17.99 -13.83
N SER D 146 -21.36 18.14 -12.66
CA SER D 146 -22.72 17.63 -12.44
C SER D 146 -23.84 18.43 -13.11
N VAL D 147 -23.65 19.73 -13.26
CA VAL D 147 -24.62 20.54 -13.97
C VAL D 147 -23.83 21.53 -14.80
N GLY D 148 -24.24 21.69 -16.05
CA GLY D 148 -23.51 22.53 -16.98
C GLY D 148 -24.04 23.93 -16.92
N VAL D 149 -23.28 24.89 -17.44
CA VAL D 149 -23.75 26.26 -17.40
C VAL D 149 -24.77 26.51 -18.50
N LYS D 150 -25.86 27.17 -18.14
CA LYS D 150 -26.91 27.45 -19.11
C LYS D 150 -27.15 28.95 -19.20
N ILE D 151 -27.44 29.42 -20.40
CA ILE D 151 -27.74 30.82 -20.65
C ILE D 151 -29.24 30.96 -20.43
N VAL D 152 -29.68 31.97 -19.66
CA VAL D 152 -31.12 32.14 -19.45
C VAL D 152 -31.46 33.54 -19.94
N TYR D 153 -32.59 33.66 -20.64
CA TYR D 153 -33.03 34.92 -21.29
C TYR D 153 -34.09 35.77 -20.59
N ASP D 154 -34.69 35.25 -19.53
CA ASP D 154 -35.74 35.98 -18.79
C ASP D 154 -35.88 35.49 -17.34
N LYS D 155 -36.60 36.26 -16.53
CA LYS D 155 -36.74 35.96 -15.11
C LYS D 155 -37.25 34.55 -14.88
N ASP D 156 -38.30 34.16 -15.60
CA ASP D 156 -38.87 32.83 -15.41
C ASP D 156 -37.84 31.73 -15.67
N GLU D 157 -37.02 31.91 -16.69
CA GLU D 157 -35.98 30.95 -17.01
C GLU D 157 -34.96 30.91 -15.85
N LEU D 158 -34.61 32.08 -15.35
CA LEU D 158 -33.60 32.17 -14.30
C LEU D 158 -34.06 31.41 -13.05
N ILE D 159 -35.33 31.59 -12.68
CA ILE D 159 -35.90 30.90 -11.52
C ILE D 159 -35.84 29.40 -11.67
N SER D 160 -36.25 28.87 -12.83
CA SER D 160 -36.19 27.42 -13.06
C SER D 160 -34.75 26.90 -12.98
N LEU D 162 -32.23 28.23 -11.39
CA LEU D 162 -31.69 28.36 -10.02
C LEU D 162 -32.10 27.14 -9.22
N GLU D 163 -33.38 26.79 -9.31
N GLU D 163 -33.39 26.80 -9.28
CA GLU D 163 -33.89 25.59 -8.64
CA GLU D 163 -33.88 25.59 -8.64
C GLU D 163 -33.13 24.34 -9.06
C GLU D 163 -33.04 24.39 -9.04
N THR D 164 -32.79 24.26 -10.33
CA THR D 164 -32.02 23.13 -10.83
C THR D 164 -30.60 23.07 -10.25
N VAL D 165 -29.91 24.21 -10.19
CA VAL D 165 -28.53 24.19 -9.76
C VAL D 165 -28.39 23.95 -8.24
N PHE D 166 -29.36 24.40 -7.48
CA PHE D 166 -29.27 24.36 -6.02
C PHE D 166 -29.38 22.93 -5.52
N GLU D 167 -29.76 22.02 -6.41
CA GLU D 167 -29.80 20.62 -6.05
C GLU D 167 -28.37 20.06 -5.96
N TRP D 168 -27.50 20.52 -6.87
CA TRP D 168 -26.08 20.16 -6.90
C TRP D 168 -25.13 20.97 -5.99
N ASP D 169 -25.37 22.26 -5.88
CA ASP D 169 -24.46 23.17 -5.18
C ASP D 169 -25.36 24.13 -4.42
N SER D 170 -24.97 24.49 -3.20
CA SER D 170 -25.84 25.30 -2.37
C SER D 170 -25.54 26.76 -2.68
N GLU D 171 -24.58 26.98 -3.57
CA GLU D 171 -24.21 28.32 -3.95
C GLU D 171 -24.05 28.43 -5.49
N VAL D 172 -24.50 29.56 -6.05
CA VAL D 172 -24.33 29.84 -7.48
C VAL D 172 -23.72 31.21 -7.73
N VAL D 173 -23.15 31.35 -8.92
CA VAL D 173 -22.75 32.64 -9.47
C VAL D 173 -23.71 32.94 -10.65
N ILE D 174 -24.34 34.12 -10.65
CA ILE D 174 -25.21 34.54 -11.77
C ILE D 174 -24.42 35.66 -12.42
N GLU D 175 -23.93 35.39 -13.60
CA GLU D 175 -22.98 36.25 -14.28
C GLU D 175 -23.61 36.86 -15.54
N LYS D 176 -23.21 38.08 -15.89
CA LYS D 176 -23.63 38.74 -17.12
C LYS D 176 -23.13 37.90 -18.28
N TYR D 177 -23.98 37.67 -19.26
CA TYR D 177 -23.62 36.96 -20.48
C TYR D 177 -22.68 37.81 -21.33
N ILE D 178 -21.50 37.28 -21.64
CA ILE D 178 -20.57 37.98 -22.52
C ILE D 178 -20.59 37.33 -23.92
N LYS D 179 -21.07 38.08 -24.91
CA LYS D 179 -21.07 37.63 -26.31
C LYS D 179 -19.75 37.97 -26.95
N GLY D 180 -19.00 36.96 -27.38
CA GLY D 180 -17.64 37.20 -27.82
C GLY D 180 -16.91 35.94 -28.19
N GLU D 181 -15.59 36.03 -28.33
CA GLU D 181 -14.76 34.91 -28.76
C GLU D 181 -14.08 34.28 -27.55
N GLU D 182 -14.02 32.95 -27.54
CA GLU D 182 -13.49 32.27 -26.36
C GLU D 182 -12.04 31.99 -26.66
N ILE D 183 -11.18 32.32 -25.70
CA ILE D 183 -9.79 31.96 -25.77
C ILE D 183 -9.39 31.40 -24.42
N THR D 184 -8.34 30.60 -24.42
CA THR D 184 -7.83 30.04 -23.18
C THR D 184 -6.32 30.24 -23.10
N CYS D 185 -5.85 30.68 -21.94
CA CYS D 185 -4.46 31.09 -21.80
C CYS D 185 -3.77 30.26 -20.73
N SER D 186 -2.86 29.42 -21.20
CA SER D 186 -2.11 28.55 -20.35
C SER D 186 -0.86 29.29 -19.87
N ILE D 187 -0.52 29.08 -18.61
CA ILE D 187 0.66 29.67 -17.99
C ILE D 187 1.52 28.53 -17.44
N PHE D 188 2.82 28.58 -17.73
CA PHE D 188 3.73 27.68 -17.08
C PHE D 188 4.77 28.48 -16.32
N ASP D 189 4.78 28.30 -15.00
CA ASP D 189 5.80 28.89 -14.12
C ASP D 189 5.96 30.38 -14.41
N GLY D 190 4.85 31.11 -14.41
CA GLY D 190 4.89 32.55 -14.60
C GLY D 190 5.10 33.04 -16.03
N LYS D 191 5.09 32.14 -17.00
CA LYS D 191 5.22 32.58 -18.38
C LYS D 191 4.04 32.11 -19.23
N GLN D 192 3.57 32.99 -20.10
CA GLN D 192 2.37 32.72 -20.88
C GLN D 192 2.70 31.84 -22.07
N LEU D 193 1.93 30.78 -22.27
CA LEU D 193 2.10 29.91 -23.44
C LEU D 193 1.24 30.39 -24.61
N PRO D 194 1.35 29.72 -25.77
CA PRO D 194 0.50 30.16 -26.89
C PRO D 194 -0.99 30.13 -26.54
N ILE D 195 -1.69 31.20 -26.87
CA ILE D 195 -3.13 31.29 -26.66
C ILE D 195 -3.88 30.38 -27.61
N ILE D 196 -4.90 29.70 -27.06
CA ILE D 196 -5.70 28.81 -27.89
C ILE D 196 -7.13 29.33 -28.03
N SER D 197 -7.63 29.31 -29.26
CA SER D 197 -8.99 29.73 -29.58
C SER D 197 -9.96 28.53 -29.58
N ILE D 198 -11.16 28.74 -29.03
CA ILE D 198 -12.14 27.67 -29.00
C ILE D 198 -13.40 28.14 -29.74
N ARG D 199 -13.71 27.50 -30.86
CA ARG D 199 -14.85 27.92 -31.67
C ARG D 199 -15.88 26.81 -31.80
N HIS D 200 -17.04 27.06 -31.21
CA HIS D 200 -18.11 26.08 -31.24
C HIS D 200 -18.85 26.05 -32.55
N ALA D 201 -18.80 27.12 -33.33
CA ALA D 201 -19.48 26.96 -34.59
C ALA D 201 -18.44 26.78 -35.68
N ALA D 202 -18.14 25.51 -35.95
CA ALA D 202 -16.96 25.18 -36.74
C ALA D 202 -17.25 25.45 -38.22
N GLU D 203 -18.50 25.30 -38.61
CA GLU D 203 -18.77 25.40 -40.04
C GLU D 203 -18.52 26.82 -40.58
N PHE D 204 -18.53 27.82 -39.71
CA PHE D 204 -18.20 29.17 -40.13
C PHE D 204 -16.74 29.25 -40.55
N PHE D 205 -15.90 28.49 -39.87
CA PHE D 205 -14.45 28.55 -40.09
C PHE D 205 -13.75 27.53 -40.95
N ASP D 206 -14.39 26.42 -41.33
N ASP D 206 -14.46 26.51 -41.41
CA ASP D 206 -13.54 25.41 -41.93
CA ASP D 206 -13.79 25.36 -41.97
C ASP D 206 -13.71 25.25 -43.43
C ASP D 206 -13.82 25.35 -43.50
N TYR D 207 -12.78 25.86 -44.14
CA TYR D 207 -12.78 25.85 -45.59
C TYR D 207 -12.28 24.51 -46.09
N ASN D 208 -11.48 23.85 -45.27
CA ASN D 208 -10.83 22.60 -45.65
C ASN D 208 -11.67 21.36 -45.34
N ALA D 209 -12.89 21.56 -44.84
CA ALA D 209 -13.75 20.42 -44.59
C ALA D 209 -13.05 19.40 -43.67
N LYS D 210 -12.32 19.92 -42.69
CA LYS D 210 -11.64 19.11 -41.68
C LYS D 210 -12.57 18.68 -40.53
N TYR D 211 -13.66 19.41 -40.30
CA TYR D 211 -14.51 19.18 -39.13
C TYR D 211 -15.91 18.68 -39.47
N ASP D 212 -16.34 17.61 -38.82
N ASP D 212 -16.35 17.60 -38.84
CA ASP D 212 -17.66 17.03 -39.09
CA ASP D 212 -17.69 17.10 -39.14
C ASP D 212 -18.71 17.45 -38.07
C ASP D 212 -18.71 17.42 -38.04
N ASP D 213 -19.93 16.93 -38.21
CA ASP D 213 -21.10 17.47 -37.51
C ASP D 213 -20.92 17.70 -36.00
N ALA D 214 -21.40 18.85 -35.52
CA ALA D 214 -21.42 19.15 -34.09
C ALA D 214 -20.06 19.00 -33.41
N SER D 215 -19.05 19.64 -33.96
CA SER D 215 -17.73 19.62 -33.33
C SER D 215 -17.26 21.04 -33.04
N THR D 216 -16.24 21.13 -32.20
CA THR D 216 -15.69 22.39 -31.76
C THR D 216 -14.24 22.50 -32.25
N ILE D 217 -13.85 23.67 -32.75
CA ILE D 217 -12.46 23.85 -33.18
C ILE D 217 -11.63 24.42 -32.03
N GLU D 218 -10.51 23.75 -31.68
CA GLU D 218 -9.58 24.28 -30.69
C GLU D 218 -8.22 24.49 -31.34
N GLU D 219 -7.77 25.74 -31.44
CA GLU D 219 -6.58 25.99 -32.23
C GLU D 219 -5.79 27.18 -31.73
N VAL D 220 -4.48 27.07 -31.82
CA VAL D 220 -3.59 28.15 -31.48
C VAL D 220 -3.93 29.33 -32.34
N ILE D 221 -3.93 30.51 -31.73
CA ILE D 221 -4.31 31.71 -32.47
C ILE D 221 -3.31 32.81 -32.20
N GLU D 222 -3.10 33.64 -33.21
CA GLU D 222 -2.23 34.80 -33.06
C GLU D 222 -3.12 36.02 -32.98
N LEU D 223 -3.18 36.62 -31.81
CA LEU D 223 -4.02 37.80 -31.61
C LEU D 223 -3.33 39.05 -32.14
N PRO D 224 -4.11 40.02 -32.64
CA PRO D 224 -3.54 41.33 -32.98
C PRO D 224 -2.80 41.92 -31.79
N ALA D 225 -1.72 42.65 -32.08
CA ALA D 225 -0.78 43.08 -31.06
C ALA D 225 -1.42 43.74 -29.82
N GLU D 226 -2.40 44.61 -30.04
CA GLU D 226 -2.99 45.35 -28.93
C GLU D 226 -3.75 44.40 -28.01
N LEU D 227 -4.50 43.47 -28.60
CA LEU D 227 -5.23 42.46 -27.83
C LEU D 227 -4.30 41.47 -27.13
N LYS D 228 -3.32 40.96 -27.86
CA LYS D 228 -2.34 40.03 -27.31
C LYS D 228 -1.70 40.63 -26.06
N GLU D 229 -1.44 41.93 -26.09
CA GLU D 229 -0.88 42.64 -24.94
C GLU D 229 -1.79 42.49 -23.72
N ARG D 230 -3.05 42.92 -23.86
N ARG D 230 -3.05 42.92 -23.88
CA ARG D 230 -4.00 42.91 -22.76
CA ARG D 230 -4.02 42.91 -22.80
C ARG D 230 -4.20 41.49 -22.22
C ARG D 230 -4.24 41.51 -22.25
N VAL D 231 -4.32 40.54 -23.15
CA VAL D 231 -4.61 39.18 -22.77
C VAL D 231 -3.47 38.61 -21.93
N ASN D 232 -2.25 38.71 -22.42
CA ASN D 232 -1.09 38.22 -21.68
C ASN D 232 -0.95 38.87 -20.31
N LYS D 233 -1.21 40.18 -20.25
CA LYS D 233 -1.14 40.91 -18.99
C LYS D 233 -2.20 40.35 -18.04
N ALA D 234 -3.42 40.19 -18.54
CA ALA D 234 -4.51 39.70 -17.71
C ALA D 234 -4.25 38.29 -17.18
N SER D 235 -3.83 37.39 -18.08
CA SER D 235 -3.64 36.01 -17.69
C SER D 235 -2.59 35.88 -16.60
N LEU D 236 -1.45 36.55 -16.76
CA LEU D 236 -0.39 36.42 -15.76
C LEU D 236 -0.83 37.05 -14.43
N ALA D 237 -1.56 38.16 -14.50
CA ALA D 237 -2.05 38.82 -13.29
C ALA D 237 -3.00 37.94 -12.52
N CYS D 238 -3.80 37.14 -13.24
CA CYS D 238 -4.76 36.24 -12.60
C CYS D 238 -4.00 35.18 -11.84
N TYR D 239 -2.98 34.66 -12.51
CA TYR D 239 -2.09 33.64 -11.96
C TYR D 239 -1.41 34.12 -10.67
N LYS D 240 -0.93 35.35 -10.66
CA LYS D 240 -0.36 35.90 -9.44
C LYS D 240 -1.39 36.16 -8.34
N ALA D 241 -2.51 36.78 -8.71
CA ALA D 241 -3.47 37.24 -7.70
C ALA D 241 -4.11 36.06 -6.99
N LEU D 242 -4.25 34.94 -7.69
CA LEU D 242 -4.86 33.75 -7.07
C LEU D 242 -3.81 32.78 -6.49
N LYS D 243 -2.56 33.20 -6.51
CA LYS D 243 -1.45 32.50 -5.83
C LYS D 243 -1.17 31.12 -6.42
N CYS D 244 -1.46 30.97 -7.69
CA CYS D 244 -1.21 29.73 -8.39
C CYS D 244 0.27 29.48 -8.56
N SER D 245 0.64 28.23 -8.72
CA SER D 245 2.01 27.87 -8.96
C SER D 245 2.15 26.72 -9.96
N VAL D 246 3.31 26.68 -10.61
CA VAL D 246 3.72 25.66 -11.57
C VAL D 246 3.02 25.78 -12.92
N TYR D 247 1.70 25.65 -12.91
CA TYR D 247 0.92 25.84 -14.10
C TYR D 247 -0.53 26.14 -13.81
N ALA D 248 -1.20 26.82 -14.74
CA ALA D 248 -2.61 27.10 -14.60
C ALA D 248 -3.16 27.39 -16.00
N ARG D 249 -4.48 27.37 -16.13
CA ARG D 249 -5.10 27.76 -17.41
C ARG D 249 -6.19 28.81 -17.13
N VAL D 250 -6.05 30.00 -17.73
CA VAL D 250 -7.05 31.07 -17.57
C VAL D 250 -8.00 31.05 -18.78
N ASP D 251 -9.29 30.91 -18.52
CA ASP D 251 -10.34 30.86 -19.55
C ASP D 251 -10.99 32.23 -19.70
N VAL D 254 -13.50 37.29 -25.19
CA VAL D 254 -13.16 38.62 -25.70
C VAL D 254 -14.35 39.25 -26.40
N LYS D 255 -14.67 40.48 -25.99
CA LYS D 255 -15.79 41.21 -26.55
C LYS D 255 -15.36 42.65 -26.78
N ASP D 256 -15.49 43.13 -28.02
CA ASP D 256 -15.18 44.52 -28.34
C ASP D 256 -13.78 44.89 -27.87
N GLY D 257 -12.83 43.99 -28.03
CA GLY D 257 -11.44 44.28 -27.70
C GLY D 257 -11.04 43.94 -26.27
N ILE D 258 -12.03 43.78 -25.39
CA ILE D 258 -11.78 43.56 -23.97
C ILE D 258 -11.88 42.08 -23.59
N PRO D 259 -10.79 41.50 -23.05
CA PRO D 259 -10.88 40.14 -22.52
C PRO D 259 -11.55 40.09 -21.15
N TYR D 260 -12.44 39.13 -20.93
CA TYR D 260 -13.05 38.92 -19.62
C TYR D 260 -12.65 37.55 -19.10
N VAL D 261 -12.18 37.51 -17.87
CA VAL D 261 -11.77 36.25 -17.26
C VAL D 261 -12.93 35.58 -16.57
N GLU D 263 -12.53 32.34 -15.19
CA GLU D 263 -11.97 31.54 -14.11
C GLU D 263 -10.54 31.15 -14.33
N VAL D 264 -9.91 30.73 -13.24
CA VAL D 264 -8.57 30.21 -13.30
C VAL D 264 -8.59 28.72 -12.92
N ASN D 265 -8.04 27.88 -13.79
CA ASN D 265 -8.01 26.44 -13.58
C ASN D 265 -6.66 25.99 -13.02
N THR D 266 -6.64 25.43 -11.82
CA THR D 266 -5.37 24.92 -11.29
C THR D 266 -5.17 23.47 -11.63
N LEU D 267 -6.22 22.79 -12.06
N LEU D 267 -6.23 22.80 -12.08
CA LEU D 267 -6.07 21.41 -12.50
CA LEU D 267 -6.14 21.42 -12.52
C LEU D 267 -6.65 21.21 -13.92
C LEU D 267 -6.72 21.26 -13.93
N PRO D 268 -6.14 21.96 -14.88
CA PRO D 268 -6.58 21.84 -16.28
C PRO D 268 -6.28 20.46 -16.81
N GLY D 269 -7.10 19.99 -17.73
CA GLY D 269 -6.90 18.67 -18.30
C GLY D 269 -5.47 18.48 -18.72
N THR D 271 -4.23 15.45 -20.46
CA THR D 271 -4.02 14.46 -21.53
C THR D 271 -3.38 15.15 -22.71
N GLN D 272 -2.79 14.37 -23.60
CA GLN D 272 -2.14 14.96 -24.75
C GLN D 272 -3.11 15.71 -25.65
N ALA D 273 -4.36 15.28 -25.67
CA ALA D 273 -5.37 16.02 -26.43
C ALA D 273 -5.98 17.24 -25.69
N SER D 274 -5.57 17.46 -24.43
CA SER D 274 -6.07 18.59 -23.64
C SER D 274 -5.45 19.92 -24.06
N LEU D 275 -6.12 21.02 -23.72
CA LEU D 275 -5.68 22.34 -24.17
C LEU D 275 -4.29 22.76 -23.65
N LEU D 276 -3.99 22.50 -22.39
CA LEU D 276 -2.71 22.99 -21.88
C LEU D 276 -1.49 22.31 -22.52
N PRO D 277 -1.48 20.98 -22.57
CA PRO D 277 -0.43 20.29 -23.31
C PRO D 277 -0.38 20.68 -24.80
N LYS D 278 -1.53 20.91 -25.43
CA LYS D 278 -1.51 21.34 -26.83
C LYS D 278 -0.85 22.70 -26.93
N SER D 279 -1.16 23.58 -25.97
CA SER D 279 -0.51 24.88 -25.94
C SER D 279 1.00 24.75 -25.73
N ALA D 280 1.40 23.85 -24.82
CA ALA D 280 2.83 23.66 -24.57
C ALA D 280 3.56 23.14 -25.82
N ASP D 281 2.90 22.21 -26.50
CA ASP D 281 3.40 21.68 -27.78
C ASP D 281 3.64 22.76 -28.86
N ALA D 282 2.71 23.69 -29.00
CA ALA D 282 2.89 24.83 -29.90
C ALA D 282 4.07 25.72 -29.50
N ALA D 283 4.46 25.65 -28.24
CA ALA D 283 5.59 26.41 -27.74
C ALA D 283 6.88 25.61 -27.89
N GLY D 284 6.76 24.39 -28.41
CA GLY D 284 7.91 23.52 -28.62
C GLY D 284 8.20 22.57 -27.48
N ILE D 285 7.26 22.43 -26.54
CA ILE D 285 7.48 21.52 -25.44
C ILE D 285 6.64 20.26 -25.64
N HIS D 286 7.28 19.17 -26.00
CA HIS D 286 6.61 17.89 -26.19
C HIS D 286 6.15 17.34 -24.85
N TYR D 287 5.23 16.38 -24.90
CA TYR D 287 4.61 15.87 -23.67
C TYR D 287 5.54 15.40 -22.54
N SER D 288 6.49 14.52 -22.86
CA SER D 288 7.34 13.98 -21.80
C SER D 288 8.16 15.10 -21.15
N LYS D 289 8.56 16.09 -21.95
CA LYS D 289 9.24 17.26 -21.40
C LYS D 289 8.31 18.12 -20.49
N LEU D 290 7.03 18.19 -20.85
CA LEU D 290 6.11 18.94 -19.99
C LEU D 290 6.06 18.25 -18.64
N LEU D 291 5.97 16.92 -18.66
CA LEU D 291 5.95 16.19 -17.38
C LEU D 291 7.23 16.46 -16.55
N ASP D 292 8.38 16.55 -17.22
CA ASP D 292 9.66 16.80 -16.54
C ASP D 292 9.66 18.21 -15.94
N ILE D 294 6.96 20.06 -15.09
CA ILE D 294 6.03 20.08 -13.95
C ILE D 294 6.74 19.53 -12.74
N ILE D 295 7.43 18.41 -12.90
CA ILE D 295 8.11 17.83 -11.75
C ILE D 295 9.20 18.75 -11.17
N GLU D 296 10.10 19.25 -12.03
CA GLU D 296 11.21 20.08 -11.55
C GLU D 296 10.75 21.46 -11.02
N THR D 297 9.77 22.06 -11.68
CA THR D 297 9.25 23.32 -11.18
C THR D 297 8.50 23.11 -9.87
N SER D 298 7.69 22.05 -9.80
CA SER D 298 6.98 21.77 -8.53
C SER D 298 7.93 21.54 -7.34
N LEU D 299 8.98 20.75 -7.56
CA LEU D 299 9.97 20.55 -6.49
C LEU D 299 10.53 21.89 -6.05
N ARG D 300 10.94 22.73 -7.01
CA ARG D 300 11.44 24.04 -6.63
C ARG D 300 10.42 24.81 -5.79
N VAL D 301 9.20 24.93 -6.27
CA VAL D 301 8.18 25.70 -5.56
C VAL D 301 7.84 25.14 -4.20
N ARG D 302 7.69 23.83 -4.09
CA ARG D 302 7.40 23.23 -2.78
C ARG D 302 8.53 23.55 -1.76
N LYS D 303 9.76 23.62 -2.23
CA LYS D 303 10.88 24.00 -1.39
C LYS D 303 10.77 25.46 -0.98
N GLU D 304 10.42 26.32 -1.91
CA GLU D 304 10.27 27.72 -1.63
C GLU D 304 9.20 27.94 -0.58
N GLU D 305 8.13 27.17 -0.63
CA GLU D 305 7.06 27.30 0.34
C GLU D 305 7.59 26.90 1.72
N GLY D 306 7.28 27.70 2.71
CA GLY D 306 7.70 27.36 4.06
C GLY D 306 6.66 26.57 4.82
N PHE D 307 6.33 25.38 4.32
CA PHE D 307 5.27 24.58 4.95
C PHE D 307 5.77 23.26 5.51
#